data_5HGR
#
_entry.id   5HGR
#
_cell.length_a   52.989
_cell.length_b   53.371
_cell.length_c   65.043
_cell.angle_alpha   93.23
_cell.angle_beta   112.93
_cell.angle_gamma   93.09
#
_symmetry.space_group_name_H-M   'P 1'
#
loop_
_entity.id
_entity.type
_entity.pdbx_description
1 polymer 'Orange Carotenoid Protein (OCP)'
2 non-polymer "beta,beta-carotene-4,4'-dione"
3 water water
#
_entity_poly.entity_id   1
_entity_poly.type   'polypeptide(L)'
_entity_poly.pdbx_seq_one_letter_code
;MAITIDSARRIFPNTLQADAVPALTARFNQLSAEDQLAWTWFAFLEMGKTITVAAPGAASMQFAEGILKQIKEMTFEEQT
QVMCDLANHTDTPICRTYATWSPNIKLGFWNQLGEWMEQGAVAPIPAGYQLSANANAVLETLKSLDQGQQITVLRSSVVD
MGFDAAKLDGYTRVAEPLVAPKDISQRVQVTIEGINNSTVLNYMNNLNANDFDELIKLFVEDGALQPPFQRPIVGKDAIL
RFFREECQNLNLLPERGVAEPADDGYTQVKVTGKVQTPWFGAAVGMNMAWRFLLNPQGKIFFVAIDLLASPKELLNLVRH
HHHHH
;
_entity_poly.pdbx_strand_id   A,B
#
loop_
_chem_comp.id
_chem_comp.type
_chem_comp.name
_chem_comp.formula
45D non-polymer beta,beta-carotene-4,4'-dione 'C40 H52 O2'
#
# COMPACT_ATOMS: atom_id res chain seq x y z
N ILE A 3 -15.99 -23.83 7.05
CA ILE A 3 -15.72 -23.06 5.84
C ILE A 3 -16.25 -21.64 5.96
N THR A 4 -15.33 -20.68 5.80
CA THR A 4 -15.65 -19.27 5.78
C THR A 4 -15.01 -18.66 4.53
N ILE A 5 -15.38 -17.42 4.21
CA ILE A 5 -14.75 -16.75 3.08
C ILE A 5 -13.27 -16.56 3.39
N ASP A 6 -12.93 -16.24 4.64
CA ASP A 6 -11.53 -16.06 5.01
C ASP A 6 -10.71 -17.32 4.76
N SER A 7 -11.25 -18.48 5.10
CA SER A 7 -10.54 -19.74 4.85
C SER A 7 -10.51 -20.06 3.35
N ALA A 8 -11.57 -19.68 2.64
CA ALA A 8 -11.65 -19.96 1.21
C ALA A 8 -10.56 -19.21 0.44
N ARG A 9 -10.22 -18.02 0.90
CA ARG A 9 -9.18 -17.20 0.27
C ARG A 9 -7.83 -17.91 0.24
N ARG A 10 -7.65 -18.88 1.12
CA ARG A 10 -6.35 -19.51 1.32
C ARG A 10 -6.13 -20.79 0.52
N ILE A 11 -7.12 -21.21 -0.26
CA ILE A 11 -6.98 -22.47 -1.00
C ILE A 11 -5.87 -22.37 -2.04
N PHE A 12 -5.24 -23.50 -2.31
CA PHE A 12 -4.10 -23.57 -3.24
C PHE A 12 -3.02 -22.54 -2.91
N PRO A 13 -2.42 -22.66 -1.72
CA PRO A 13 -1.51 -21.64 -1.21
C PRO A 13 -0.16 -21.56 -1.93
N ASN A 14 0.19 -22.53 -2.76
CA ASN A 14 1.44 -22.43 -3.50
C ASN A 14 1.26 -21.64 -4.80
N THR A 15 0.07 -21.08 -4.98
CA THR A 15 -0.19 -20.23 -6.15
C THR A 15 0.50 -18.90 -5.94
N LEU A 16 1.48 -18.59 -6.79
CA LEU A 16 2.30 -17.40 -6.62
C LEU A 16 1.71 -16.22 -7.40
N GLN A 17 1.06 -15.32 -6.67
CA GLN A 17 0.49 -14.11 -7.25
C GLN A 17 1.57 -13.07 -7.55
N ALA A 18 1.27 -12.21 -8.52
CA ALA A 18 2.18 -11.13 -8.89
C ALA A 18 2.07 -9.97 -7.92
N ASP A 19 2.50 -10.16 -6.67
CA ASP A 19 2.33 -9.10 -5.68
C ASP A 19 3.31 -7.95 -5.92
N ALA A 20 4.12 -8.04 -6.98
CA ALA A 20 4.91 -6.90 -7.42
C ALA A 20 4.02 -5.73 -7.82
N VAL A 21 2.77 -6.01 -8.15
CA VAL A 21 1.83 -4.99 -8.57
C VAL A 21 1.45 -4.10 -7.37
N PRO A 22 0.87 -4.67 -6.30
CA PRO A 22 0.57 -3.84 -5.13
C PRO A 22 1.83 -3.24 -4.52
N ALA A 23 2.97 -3.92 -4.66
CA ALA A 23 4.24 -3.38 -4.19
C ALA A 23 4.56 -2.08 -4.91
N LEU A 24 4.41 -2.08 -6.23
CA LEU A 24 4.77 -0.92 -7.03
C LEU A 24 3.75 0.20 -6.84
N THR A 25 2.48 -0.18 -6.73
CA THR A 25 1.43 0.79 -6.43
C THR A 25 1.73 1.54 -5.13
N ALA A 26 2.22 0.83 -4.12
CA ALA A 26 2.56 1.44 -2.85
C ALA A 26 3.68 2.45 -3.04
N ARG A 27 4.68 2.10 -3.81
CA ARG A 27 5.79 3.01 -4.08
C ARG A 27 5.30 4.23 -4.84
N PHE A 28 4.46 4.02 -5.85
CA PHE A 28 3.89 5.10 -6.65
C PHE A 28 3.08 6.06 -5.78
N ASN A 29 2.40 5.52 -4.79
CA ASN A 29 1.55 6.33 -3.92
C ASN A 29 2.33 7.24 -2.97
N GLN A 30 3.63 7.00 -2.84
CA GLN A 30 4.49 7.86 -2.03
C GLN A 30 4.84 9.16 -2.75
N LEU A 31 4.64 9.20 -4.06
CA LEU A 31 5.09 10.30 -4.89
C LEU A 31 4.15 11.49 -4.85
N SER A 32 4.68 12.68 -5.13
CA SER A 32 3.87 13.88 -5.22
C SER A 32 2.91 13.76 -6.40
N ALA A 33 1.82 14.52 -6.36
CA ALA A 33 0.86 14.53 -7.46
C ALA A 33 1.55 14.85 -8.79
N GLU A 34 2.43 15.85 -8.76
CA GLU A 34 3.12 16.28 -9.97
C GLU A 34 3.99 15.16 -10.53
N ASP A 35 4.69 14.45 -9.65
CA ASP A 35 5.51 13.31 -10.06
C ASP A 35 4.63 12.19 -10.59
N GLN A 36 3.47 12.01 -9.97
CA GLN A 36 2.56 10.95 -10.38
C GLN A 36 2.06 11.17 -11.80
N LEU A 37 1.67 12.39 -12.11
CA LEU A 37 1.17 12.71 -13.45
C LEU A 37 2.27 12.51 -14.49
N ALA A 38 3.47 13.00 -14.19
CA ALA A 38 4.59 12.89 -15.11
C ALA A 38 4.99 11.43 -15.30
N TRP A 39 5.05 10.70 -14.20
CA TRP A 39 5.35 9.28 -14.21
C TRP A 39 4.42 8.50 -15.13
N THR A 40 3.11 8.69 -14.95
CA THR A 40 2.15 7.96 -15.75
C THR A 40 2.23 8.37 -17.23
N TRP A 41 2.53 9.64 -17.48
CA TRP A 41 2.72 10.09 -18.86
C TRP A 41 3.85 9.30 -19.51
N PHE A 42 4.97 9.16 -18.80
CA PHE A 42 6.11 8.41 -19.32
C PHE A 42 5.82 6.91 -19.40
N ALA A 43 5.07 6.39 -18.43
CA ALA A 43 4.69 4.98 -18.44
C ALA A 43 3.76 4.71 -19.62
N PHE A 44 2.87 5.67 -19.88
CA PHE A 44 1.91 5.58 -20.97
C PHE A 44 2.63 5.60 -22.33
N LEU A 45 3.60 6.49 -22.47
CA LEU A 45 4.39 6.55 -23.69
C LEU A 45 5.17 5.26 -23.89
N GLU A 46 5.73 4.74 -22.80
CA GLU A 46 6.50 3.51 -22.86
C GLU A 46 5.61 2.37 -23.34
N MET A 47 4.40 2.31 -22.80
CA MET A 47 3.42 1.31 -23.17
C MET A 47 3.11 1.38 -24.67
N GLY A 48 3.01 2.60 -25.17
CA GLY A 48 2.69 2.84 -26.57
C GLY A 48 3.75 2.33 -27.51
N LYS A 49 4.93 2.01 -27.00
CA LYS A 49 6.00 1.47 -27.83
C LYS A 49 5.66 0.06 -28.32
N THR A 50 4.75 -0.61 -27.63
CA THR A 50 4.37 -1.97 -27.97
C THR A 50 2.87 -2.20 -28.16
N ILE A 51 2.03 -1.52 -27.38
CA ILE A 51 0.59 -1.77 -27.46
C ILE A 51 -0.21 -0.48 -27.54
N THR A 52 -1.37 -0.57 -28.19
CA THR A 52 -2.24 0.58 -28.39
C THR A 52 -3.59 0.35 -27.72
N VAL A 53 -4.04 1.34 -26.97
CA VAL A 53 -5.32 1.27 -26.29
C VAL A 53 -6.45 1.28 -27.31
N ALA A 54 -7.40 0.36 -27.17
CA ALA A 54 -8.57 0.33 -28.04
C ALA A 54 -9.43 1.56 -27.79
N ALA A 55 -10.03 2.09 -28.85
CA ALA A 55 -10.89 3.26 -28.75
C ALA A 55 -12.07 2.98 -27.82
N PRO A 56 -12.23 3.78 -26.75
CA PRO A 56 -13.37 3.55 -25.85
C PRO A 56 -14.72 3.66 -26.55
N GLY A 57 -15.71 2.92 -26.05
CA GLY A 57 -17.05 2.97 -26.61
C GLY A 57 -17.68 4.34 -26.44
N ALA A 58 -18.47 4.74 -27.42
CA ALA A 58 -19.13 6.05 -27.38
C ALA A 58 -20.08 6.14 -26.19
N ALA A 59 -20.73 5.03 -25.87
CA ALA A 59 -21.66 5.00 -24.75
C ALA A 59 -20.93 5.30 -23.45
N SER A 60 -19.69 4.79 -23.36
CA SER A 60 -18.86 5.03 -22.19
C SER A 60 -18.47 6.50 -22.07
N MET A 61 -18.06 7.08 -23.19
CA MET A 61 -17.52 8.44 -23.20
C MET A 61 -18.59 9.50 -22.96
N GLN A 62 -19.86 9.16 -23.23
CA GLN A 62 -20.93 10.11 -23.00
C GLN A 62 -21.08 10.44 -21.52
N PHE A 63 -20.62 9.55 -20.65
CA PHE A 63 -20.68 9.78 -19.22
C PHE A 63 -19.53 10.68 -18.75
N ALA A 64 -18.42 10.66 -19.48
CA ALA A 64 -17.26 11.48 -19.16
C ALA A 64 -17.28 12.80 -19.92
N GLU A 65 -18.13 12.87 -20.94
CA GLU A 65 -18.14 14.00 -21.88
C GLU A 65 -18.28 15.37 -21.20
N GLY A 66 -19.18 15.45 -20.21
CA GLY A 66 -19.44 16.70 -19.52
C GLY A 66 -18.20 17.27 -18.84
N ILE A 67 -17.51 16.43 -18.10
CA ILE A 67 -16.29 16.86 -17.41
C ILE A 67 -15.18 17.14 -18.41
N LEU A 68 -15.06 16.29 -19.43
CA LEU A 68 -14.03 16.46 -20.43
C LEU A 68 -14.18 17.79 -21.15
N LYS A 69 -15.42 18.15 -21.46
CA LYS A 69 -15.68 19.42 -22.14
C LYS A 69 -15.27 20.59 -21.26
N GLN A 70 -15.57 20.48 -19.96
CA GLN A 70 -15.22 21.52 -19.01
C GLN A 70 -13.71 21.69 -18.93
N ILE A 71 -12.99 20.58 -18.88
CA ILE A 71 -11.53 20.62 -18.81
C ILE A 71 -10.91 21.17 -20.08
N LYS A 72 -11.48 20.79 -21.23
CA LYS A 72 -10.91 21.23 -22.50
C LYS A 72 -10.99 22.75 -22.65
N GLU A 73 -11.98 23.36 -22.00
CA GLU A 73 -12.18 24.79 -22.11
C GLU A 73 -11.36 25.59 -21.10
N MET A 74 -10.73 24.88 -20.17
CA MET A 74 -9.85 25.51 -19.18
C MET A 74 -8.50 25.91 -19.76
N THR A 75 -7.83 26.83 -19.08
CA THR A 75 -6.44 27.16 -19.39
C THR A 75 -5.54 25.99 -18.97
N PHE A 76 -4.33 25.94 -19.51
CA PHE A 76 -3.36 24.91 -19.14
C PHE A 76 -3.14 24.86 -17.62
N GLU A 77 -3.04 26.03 -16.99
CA GLU A 77 -2.80 26.08 -15.56
C GLU A 77 -3.98 25.46 -14.80
N GLU A 78 -5.19 25.77 -15.25
CA GLU A 78 -6.39 25.22 -14.64
C GLU A 78 -6.49 23.71 -14.85
N GLN A 79 -6.15 23.26 -16.05
CA GLN A 79 -6.19 21.83 -16.36
C GLN A 79 -5.22 21.05 -15.48
N THR A 80 -4.01 21.57 -15.36
CA THR A 80 -3.00 20.92 -14.53
C THR A 80 -3.49 20.81 -13.09
N GLN A 81 -4.13 21.86 -12.59
CA GLN A 81 -4.67 21.84 -11.24
C GLN A 81 -5.73 20.75 -11.07
N VAL A 82 -6.61 20.60 -12.07
CA VAL A 82 -7.65 19.56 -12.00
C VAL A 82 -7.01 18.18 -11.95
N MET A 83 -5.95 18.00 -12.73
CA MET A 83 -5.28 16.71 -12.78
C MET A 83 -4.56 16.45 -11.46
N CYS A 84 -4.00 17.51 -10.87
CA CYS A 84 -3.38 17.37 -9.56
C CYS A 84 -4.43 17.06 -8.49
N ASP A 85 -5.60 17.70 -8.61
CA ASP A 85 -6.71 17.45 -7.70
C ASP A 85 -7.09 15.97 -7.72
N LEU A 86 -7.14 15.39 -8.91
CA LEU A 86 -7.51 13.98 -9.06
C LEU A 86 -6.46 13.09 -8.41
N ALA A 87 -5.19 13.41 -8.62
CA ALA A 87 -4.10 12.66 -8.03
C ALA A 87 -4.09 12.79 -6.51
N ASN A 88 -4.47 13.96 -6.01
CA ASN A 88 -4.46 14.23 -4.57
C ASN A 88 -5.71 13.77 -3.83
N HIS A 89 -6.73 13.35 -4.58
CA HIS A 89 -8.02 12.93 -4.02
C HIS A 89 -8.71 14.10 -3.33
N THR A 90 -8.51 15.29 -3.88
CA THR A 90 -9.02 16.52 -3.30
C THR A 90 -10.54 16.61 -3.46
N ASP A 91 -11.19 17.25 -2.50
CA ASP A 91 -12.63 17.46 -2.54
C ASP A 91 -12.97 18.61 -3.49
N THR A 92 -13.38 18.24 -4.70
CA THR A 92 -13.84 19.19 -5.71
C THR A 92 -14.98 18.53 -6.45
N PRO A 93 -15.82 19.34 -7.12
CA PRO A 93 -16.92 18.74 -7.90
C PRO A 93 -16.44 17.71 -8.93
N ILE A 94 -15.38 18.01 -9.66
CA ILE A 94 -14.86 17.09 -10.66
C ILE A 94 -14.38 15.78 -10.00
N CYS A 95 -13.67 15.90 -8.89
CA CYS A 95 -13.15 14.72 -8.20
C CYS A 95 -14.28 13.85 -7.66
N ARG A 96 -15.37 14.49 -7.24
CA ARG A 96 -16.53 13.77 -6.74
C ARG A 96 -17.27 13.08 -7.88
N THR A 97 -17.39 13.75 -9.02
CA THR A 97 -18.00 13.12 -10.19
C THR A 97 -17.19 11.91 -10.65
N TYR A 98 -15.88 12.10 -10.74
CA TYR A 98 -14.95 11.05 -11.14
C TYR A 98 -15.14 9.79 -10.27
N ALA A 99 -15.34 10.00 -8.98
CA ALA A 99 -15.45 8.92 -8.03
C ALA A 99 -16.65 8.01 -8.28
N THR A 100 -17.67 8.51 -8.97
CA THR A 100 -18.86 7.71 -9.22
C THR A 100 -18.72 6.83 -10.46
N TRP A 101 -17.61 7.00 -11.18
CA TRP A 101 -17.40 6.31 -12.45
C TRP A 101 -16.81 4.91 -12.30
N SER A 102 -17.22 4.00 -13.19
CA SER A 102 -16.61 2.68 -13.25
C SER A 102 -15.19 2.80 -13.77
N PRO A 103 -14.37 1.75 -13.56
CA PRO A 103 -12.99 1.80 -14.05
C PRO A 103 -12.87 2.10 -15.55
N ASN A 104 -13.72 1.50 -16.38
CA ASN A 104 -13.61 1.71 -17.82
C ASN A 104 -13.93 3.16 -18.21
N ILE A 105 -14.86 3.79 -17.50
CA ILE A 105 -15.17 5.18 -17.79
C ILE A 105 -14.00 6.06 -17.35
N LYS A 106 -13.40 5.75 -16.21
CA LYS A 106 -12.23 6.48 -15.74
C LYS A 106 -11.08 6.35 -16.74
N LEU A 107 -10.89 5.15 -17.25
CA LEU A 107 -9.82 4.89 -18.22
C LEU A 107 -10.06 5.64 -19.54
N GLY A 108 -11.31 5.65 -20.00
CA GLY A 108 -11.64 6.34 -21.23
C GLY A 108 -11.44 7.82 -21.07
N PHE A 109 -11.78 8.32 -19.89
CA PHE A 109 -11.58 9.73 -19.54
C PHE A 109 -10.11 10.11 -19.65
N TRP A 110 -9.23 9.32 -19.04
CA TRP A 110 -7.81 9.63 -19.05
C TRP A 110 -7.18 9.40 -20.42
N ASN A 111 -7.70 8.42 -21.15
CA ASN A 111 -7.20 8.19 -22.50
C ASN A 111 -7.46 9.41 -23.37
N GLN A 112 -8.62 10.04 -23.16
CA GLN A 112 -8.94 11.25 -23.92
C GLN A 112 -8.04 12.41 -23.54
N LEU A 113 -7.77 12.56 -22.25
CA LEU A 113 -6.89 13.64 -21.81
C LEU A 113 -5.50 13.43 -22.37
N GLY A 114 -5.06 12.17 -22.42
CA GLY A 114 -3.76 11.84 -22.98
C GLY A 114 -3.68 12.23 -24.44
N GLU A 115 -4.73 11.92 -25.21
CA GLU A 115 -4.78 12.30 -26.62
C GLU A 115 -4.70 13.81 -26.78
N TRP A 116 -5.44 14.53 -25.95
CA TRP A 116 -5.45 15.97 -26.02
C TRP A 116 -4.10 16.56 -25.61
N MET A 117 -3.38 15.88 -24.72
CA MET A 117 -2.04 16.31 -24.37
C MET A 117 -1.12 16.18 -25.59
N GLU A 118 -1.23 15.07 -26.31
CA GLU A 118 -0.47 14.88 -27.53
C GLU A 118 -0.84 15.92 -28.58
N GLN A 119 -2.11 16.30 -28.61
CA GLN A 119 -2.63 17.20 -29.62
C GLN A 119 -2.44 18.68 -29.29
N GLY A 120 -2.02 18.96 -28.05
CA GLY A 120 -1.79 20.33 -27.62
C GLY A 120 -3.01 21.01 -27.02
N ALA A 121 -4.08 20.26 -26.81
CA ALA A 121 -5.34 20.81 -26.29
C ALA A 121 -5.38 20.81 -24.76
N VAL A 122 -4.58 19.94 -24.16
CA VAL A 122 -4.47 19.86 -22.71
C VAL A 122 -3.01 20.01 -22.29
N ALA A 123 -2.80 20.70 -21.18
CA ALA A 123 -1.46 20.99 -20.68
C ALA A 123 -0.55 19.75 -20.68
N PRO A 124 0.59 19.84 -21.36
CA PRO A 124 1.50 18.69 -21.37
C PRO A 124 2.37 18.65 -20.12
N ILE A 125 3.05 17.53 -19.90
CA ILE A 125 4.10 17.48 -18.91
C ILE A 125 5.20 18.44 -19.38
N PRO A 126 5.72 19.30 -18.46
CA PRO A 126 6.79 20.22 -18.84
C PRO A 126 7.94 19.52 -19.57
N ALA A 127 8.41 20.11 -20.67
CA ALA A 127 9.34 19.47 -21.60
C ALA A 127 10.56 18.86 -20.92
N GLY A 128 11.16 19.61 -19.99
CA GLY A 128 12.34 19.16 -19.28
C GLY A 128 12.05 18.82 -17.83
N TYR A 129 10.87 18.27 -17.59
CA TYR A 129 10.46 17.89 -16.24
C TYR A 129 11.37 16.79 -15.72
N GLN A 130 11.85 16.95 -14.50
CA GLN A 130 12.69 15.95 -13.87
C GLN A 130 11.92 15.22 -12.78
N LEU A 131 11.68 13.93 -13.00
CA LEU A 131 11.12 13.07 -11.97
C LEU A 131 12.03 13.06 -10.76
N SER A 132 11.45 12.93 -9.57
CA SER A 132 12.24 12.72 -8.36
C SER A 132 13.05 11.44 -8.51
N ALA A 133 14.05 11.25 -7.65
CA ALA A 133 14.84 10.04 -7.68
C ALA A 133 13.95 8.83 -7.44
N ASN A 134 13.02 8.93 -6.50
CA ASN A 134 12.13 7.82 -6.20
C ASN A 134 11.19 7.53 -7.37
N ALA A 135 10.66 8.57 -7.99
CA ALA A 135 9.78 8.37 -9.15
C ALA A 135 10.51 7.67 -10.29
N ASN A 136 11.74 8.10 -10.56
CA ASN A 136 12.57 7.45 -11.57
C ASN A 136 12.73 5.97 -11.28
N ALA A 137 13.06 5.65 -10.04
CA ALA A 137 13.26 4.25 -9.64
C ALA A 137 11.98 3.43 -9.80
N VAL A 138 10.83 4.02 -9.48
CA VAL A 138 9.55 3.32 -9.64
C VAL A 138 9.32 3.01 -11.12
N LEU A 139 9.67 3.96 -11.98
CA LEU A 139 9.48 3.80 -13.42
C LEU A 139 10.40 2.70 -13.97
N GLU A 140 11.62 2.64 -13.46
CA GLU A 140 12.55 1.59 -13.85
C GLU A 140 11.98 0.22 -13.50
N THR A 141 11.41 0.12 -12.29
CA THR A 141 10.82 -1.14 -11.86
C THR A 141 9.64 -1.51 -12.73
N LEU A 142 8.79 -0.53 -13.06
CA LEU A 142 7.67 -0.78 -13.96
C LEU A 142 8.13 -1.42 -15.26
N LYS A 143 9.17 -0.86 -15.87
CA LYS A 143 9.64 -1.34 -17.17
C LYS A 143 10.17 -2.77 -17.09
N SER A 144 10.49 -3.23 -15.89
CA SER A 144 11.05 -4.56 -15.70
C SER A 144 9.97 -5.65 -15.56
N LEU A 145 8.73 -5.25 -15.31
CA LEU A 145 7.64 -6.20 -15.12
C LEU A 145 7.03 -6.62 -16.45
N ASP A 146 6.39 -7.79 -16.51
CA ASP A 146 5.75 -8.21 -17.74
C ASP A 146 4.56 -7.30 -18.00
N GLN A 147 4.04 -7.35 -19.23
CA GLN A 147 3.06 -6.36 -19.67
C GLN A 147 1.73 -6.48 -18.94
N GLY A 148 1.33 -7.70 -18.60
CA GLY A 148 0.12 -7.91 -17.83
C GLY A 148 0.17 -7.16 -16.50
N GLN A 149 1.33 -7.22 -15.84
CA GLN A 149 1.50 -6.53 -14.58
C GLN A 149 1.55 -5.03 -14.80
N GLN A 150 2.17 -4.60 -15.89
CA GLN A 150 2.28 -3.18 -16.20
C GLN A 150 0.92 -2.52 -16.36
N ILE A 151 0.05 -3.11 -17.17
CA ILE A 151 -1.26 -2.49 -17.41
C ILE A 151 -2.17 -2.60 -16.18
N THR A 152 -1.92 -3.59 -15.32
CA THR A 152 -2.67 -3.69 -14.07
C THR A 152 -2.30 -2.55 -13.11
N VAL A 153 -1.01 -2.21 -13.06
CA VAL A 153 -0.56 -1.07 -12.25
C VAL A 153 -1.23 0.21 -12.73
N LEU A 154 -1.18 0.45 -14.04
CA LEU A 154 -1.72 1.70 -14.59
C LEU A 154 -3.21 1.81 -14.32
N ARG A 155 -3.93 0.70 -14.50
CA ARG A 155 -5.38 0.70 -14.24
C ARG A 155 -5.70 0.99 -12.78
N SER A 156 -4.98 0.32 -11.88
CA SER A 156 -5.21 0.49 -10.44
C SER A 156 -5.04 1.94 -10.02
N SER A 157 -4.02 2.59 -10.58
CA SER A 157 -3.74 3.98 -10.25
C SER A 157 -4.85 4.89 -10.76
N VAL A 158 -5.32 4.64 -11.98
CA VAL A 158 -6.45 5.38 -12.53
C VAL A 158 -7.69 5.23 -11.64
N VAL A 159 -7.98 4.00 -11.23
CA VAL A 159 -9.17 3.73 -10.42
C VAL A 159 -9.09 4.46 -9.08
N ASP A 160 -7.89 4.60 -8.53
CA ASP A 160 -7.72 5.13 -7.19
C ASP A 160 -7.70 6.66 -7.14
N MET A 161 -7.70 7.33 -8.29
CA MET A 161 -7.74 8.78 -8.32
C MET A 161 -9.12 9.28 -7.93
N GLY A 162 -9.23 10.59 -7.72
CA GLY A 162 -10.51 11.20 -7.40
C GLY A 162 -10.85 11.16 -5.93
N PHE A 163 -12.02 11.68 -5.60
CA PHE A 163 -12.50 11.71 -4.24
C PHE A 163 -12.71 10.30 -3.70
N ASP A 164 -12.47 10.12 -2.40
CA ASP A 164 -12.74 8.85 -1.73
C ASP A 164 -14.21 8.47 -1.90
N ALA A 165 -14.48 7.47 -2.72
CA ALA A 165 -15.84 7.07 -3.03
C ALA A 165 -16.63 6.71 -1.76
N ALA A 166 -15.94 6.13 -0.79
CA ALA A 166 -16.58 5.74 0.47
C ALA A 166 -17.23 6.94 1.14
N LYS A 167 -16.67 8.13 0.92
CA LYS A 167 -17.17 9.33 1.57
C LYS A 167 -18.35 9.96 0.81
N LEU A 168 -18.72 9.37 -0.32
CA LEU A 168 -19.90 9.82 -1.06
C LEU A 168 -21.19 9.22 -0.50
N ASP A 169 -21.04 8.23 0.37
CA ASP A 169 -22.19 7.47 0.88
C ASP A 169 -22.99 6.93 -0.31
N GLY A 170 -24.31 7.07 -0.29
CA GLY A 170 -25.14 6.57 -1.37
C GLY A 170 -25.01 7.42 -2.62
N TYR A 171 -24.87 6.75 -3.77
CA TYR A 171 -24.86 7.45 -5.05
C TYR A 171 -25.22 6.53 -6.21
N THR A 172 -25.72 7.13 -7.28
CA THR A 172 -25.97 6.38 -8.51
C THR A 172 -24.64 6.09 -9.19
N ARG A 173 -24.31 4.81 -9.31
CA ARG A 173 -23.08 4.39 -9.94
C ARG A 173 -23.16 4.60 -11.45
N VAL A 174 -22.09 5.11 -12.03
CA VAL A 174 -22.03 5.38 -13.45
C VAL A 174 -21.19 4.31 -14.14
N ALA A 175 -21.79 3.62 -15.12
CA ALA A 175 -21.12 2.53 -15.79
C ALA A 175 -21.61 2.39 -17.24
N GLU A 176 -20.85 1.65 -18.03
CA GLU A 176 -21.22 1.37 -19.41
C GLU A 176 -22.54 0.62 -19.49
N PRO A 177 -23.34 0.87 -20.53
CA PRO A 177 -24.61 0.15 -20.64
C PRO A 177 -24.37 -1.33 -20.93
N LEU A 178 -25.34 -2.18 -20.61
CA LEU A 178 -25.18 -3.61 -20.80
C LEU A 178 -25.27 -4.01 -22.27
N VAL A 179 -24.33 -4.86 -22.68
CA VAL A 179 -24.37 -5.48 -23.99
C VAL A 179 -25.21 -6.74 -23.89
N ALA A 180 -26.00 -7.03 -24.92
CA ALA A 180 -26.79 -8.25 -24.95
C ALA A 180 -25.86 -9.46 -24.98
N PRO A 181 -26.19 -10.52 -24.23
CA PRO A 181 -25.34 -11.72 -24.25
C PRO A 181 -25.19 -12.31 -25.65
N LYS A 182 -24.08 -12.99 -25.92
CA LYS A 182 -23.87 -13.63 -27.20
C LYS A 182 -24.90 -14.73 -27.43
N ASP A 183 -25.43 -14.82 -28.65
CA ASP A 183 -26.28 -15.95 -29.03
C ASP A 183 -25.54 -17.26 -28.76
N ILE A 184 -26.27 -18.28 -28.32
CA ILE A 184 -25.68 -19.56 -27.96
C ILE A 184 -24.81 -20.10 -29.09
N SER A 185 -25.31 -20.06 -30.32
CA SER A 185 -24.61 -20.64 -31.46
C SER A 185 -23.26 -19.96 -31.71
N GLN A 186 -23.13 -18.73 -31.22
CA GLN A 186 -21.94 -17.93 -31.47
C GLN A 186 -20.89 -18.01 -30.37
N ARG A 187 -21.20 -18.76 -29.31
CA ARG A 187 -20.28 -18.90 -28.19
C ARG A 187 -19.22 -19.95 -28.49
N VAL A 188 -17.96 -19.60 -28.29
CA VAL A 188 -16.86 -20.54 -28.46
C VAL A 188 -16.53 -21.13 -27.08
N GLN A 189 -17.02 -22.35 -26.85
CA GLN A 189 -16.89 -23.01 -25.56
C GLN A 189 -15.43 -23.27 -25.23
N VAL A 190 -15.10 -23.21 -23.94
CA VAL A 190 -13.72 -23.43 -23.50
C VAL A 190 -13.47 -24.91 -23.26
N THR A 191 -12.20 -25.29 -23.35
CA THR A 191 -11.73 -26.63 -23.01
C THR A 191 -10.62 -26.49 -21.99
N ILE A 192 -10.69 -27.26 -20.91
CA ILE A 192 -9.68 -27.19 -19.86
C ILE A 192 -9.11 -28.56 -19.59
N GLU A 193 -7.82 -28.73 -19.88
CA GLU A 193 -7.13 -29.98 -19.67
C GLU A 193 -7.17 -30.39 -18.20
N GLY A 194 -7.67 -31.59 -17.93
CA GLY A 194 -7.70 -32.11 -16.58
C GLY A 194 -8.99 -31.79 -15.82
N ILE A 195 -9.82 -30.93 -16.40
CA ILE A 195 -11.05 -30.50 -15.74
C ILE A 195 -12.28 -30.75 -16.61
N ASN A 196 -13.31 -31.33 -15.99
CA ASN A 196 -14.58 -31.58 -16.65
C ASN A 196 -15.73 -30.96 -15.87
N ASN A 197 -15.39 -30.25 -14.80
CA ASN A 197 -16.39 -29.69 -13.88
C ASN A 197 -17.39 -28.77 -14.59
N SER A 198 -18.67 -29.08 -14.47
CA SER A 198 -19.71 -28.33 -15.18
C SER A 198 -19.82 -26.89 -14.70
N THR A 199 -19.66 -26.67 -13.41
CA THR A 199 -19.77 -25.33 -12.84
C THR A 199 -18.64 -24.42 -13.35
N VAL A 200 -17.42 -24.94 -13.34
CA VAL A 200 -16.27 -24.17 -13.81
C VAL A 200 -16.42 -23.85 -15.29
N LEU A 201 -16.82 -24.82 -16.09
CA LEU A 201 -17.03 -24.57 -17.51
C LEU A 201 -18.17 -23.58 -17.75
N ASN A 202 -19.24 -23.69 -16.98
CA ASN A 202 -20.37 -22.76 -17.10
C ASN A 202 -19.94 -21.34 -16.75
N TYR A 203 -19.06 -21.24 -15.75
CA TYR A 203 -18.51 -19.96 -15.34
C TYR A 203 -17.76 -19.30 -16.50
N MET A 204 -16.81 -20.03 -17.07
CA MET A 204 -16.00 -19.52 -18.17
C MET A 204 -16.85 -19.13 -19.36
N ASN A 205 -17.75 -20.00 -19.77
CA ASN A 205 -18.50 -19.78 -21.00
C ASN A 205 -19.51 -18.65 -20.85
N ASN A 206 -20.20 -18.58 -19.70
CA ASN A 206 -21.16 -17.50 -19.50
C ASN A 206 -20.46 -16.15 -19.43
N LEU A 207 -19.30 -16.09 -18.79
CA LEU A 207 -18.57 -14.84 -18.69
C LEU A 207 -18.09 -14.38 -20.07
N ASN A 208 -17.57 -15.32 -20.86
CA ASN A 208 -17.12 -15.01 -22.22
C ASN A 208 -18.28 -14.56 -23.10
N ALA A 209 -19.49 -14.97 -22.73
CA ALA A 209 -20.70 -14.63 -23.49
C ALA A 209 -21.38 -13.37 -22.98
N ASN A 210 -20.83 -12.76 -21.93
CA ASN A 210 -21.46 -11.63 -21.26
C ASN A 210 -22.86 -11.98 -20.76
N ASP A 211 -23.07 -13.26 -20.47
CA ASP A 211 -24.36 -13.74 -19.98
C ASP A 211 -24.36 -13.72 -18.45
N PHE A 212 -24.47 -12.53 -17.88
CA PHE A 212 -24.30 -12.34 -16.44
C PHE A 212 -25.48 -12.90 -15.64
N ASP A 213 -26.66 -12.93 -16.25
CA ASP A 213 -27.84 -13.43 -15.57
C ASP A 213 -27.75 -14.95 -15.37
N GLU A 214 -27.06 -15.64 -16.27
CA GLU A 214 -26.83 -17.08 -16.09
C GLU A 214 -25.59 -17.32 -15.24
N LEU A 215 -24.59 -16.45 -15.39
CA LEU A 215 -23.37 -16.56 -14.61
C LEU A 215 -23.66 -16.47 -13.11
N ILE A 216 -24.50 -15.52 -12.72
CA ILE A 216 -24.75 -15.29 -11.30
C ILE A 216 -25.51 -16.47 -10.68
N LYS A 217 -26.28 -17.19 -11.49
CA LYS A 217 -27.02 -18.34 -10.98
C LYS A 217 -26.09 -19.44 -10.47
N LEU A 218 -24.82 -19.40 -10.87
CA LEU A 218 -23.84 -20.39 -10.44
C LEU A 218 -23.40 -20.20 -9.00
N PHE A 219 -23.63 -19.01 -8.45
CA PHE A 219 -23.18 -18.68 -7.09
C PHE A 219 -24.23 -18.99 -6.03
N VAL A 220 -23.77 -19.25 -4.81
CA VAL A 220 -24.68 -19.30 -3.66
C VAL A 220 -24.94 -17.88 -3.19
N GLU A 221 -26.03 -17.68 -2.46
CA GLU A 221 -26.46 -16.35 -2.03
C GLU A 221 -25.35 -15.53 -1.37
N ASP A 222 -24.68 -16.15 -0.41
CA ASP A 222 -23.67 -15.45 0.38
C ASP A 222 -22.26 -15.81 -0.08
N GLY A 223 -22.13 -16.20 -1.35
CA GLY A 223 -20.84 -16.51 -1.92
C GLY A 223 -20.04 -15.24 -2.18
N ALA A 224 -18.82 -15.41 -2.68
CA ALA A 224 -17.95 -14.26 -2.91
C ALA A 224 -17.03 -14.45 -4.12
N LEU A 225 -16.68 -13.33 -4.74
CA LEU A 225 -15.73 -13.33 -5.84
C LEU A 225 -14.62 -12.36 -5.50
N GLN A 226 -13.38 -12.80 -5.67
CA GLN A 226 -12.22 -11.98 -5.32
C GLN A 226 -11.37 -11.64 -6.54
N PRO A 227 -11.44 -10.38 -7.01
CA PRO A 227 -10.57 -9.99 -8.12
C PRO A 227 -9.12 -9.85 -7.66
N PRO A 228 -8.17 -9.79 -8.59
CA PRO A 228 -6.75 -9.69 -8.27
C PRO A 228 -6.43 -8.55 -7.29
N PHE A 229 -5.86 -8.92 -6.15
CA PHE A 229 -5.29 -8.00 -5.17
C PHE A 229 -6.32 -7.21 -4.35
N GLN A 230 -7.61 -7.44 -4.58
CA GLN A 230 -8.61 -6.73 -3.78
C GLN A 230 -9.40 -7.66 -2.87
N ARG A 231 -10.23 -7.08 -2.03
CA ARG A 231 -11.00 -7.85 -1.07
C ARG A 231 -12.13 -8.60 -1.77
N PRO A 232 -12.59 -9.71 -1.18
CA PRO A 232 -13.69 -10.41 -1.82
C PRO A 232 -14.96 -9.57 -1.87
N ILE A 233 -15.67 -9.69 -2.99
CA ILE A 233 -16.98 -9.08 -3.18
C ILE A 233 -18.03 -10.08 -2.75
N VAL A 234 -18.77 -9.76 -1.69
CA VAL A 234 -19.65 -10.73 -1.02
C VAL A 234 -21.12 -10.54 -1.37
N GLY A 235 -21.78 -11.63 -1.71
CA GLY A 235 -23.22 -11.62 -1.98
C GLY A 235 -23.51 -11.49 -3.47
N LYS A 236 -24.50 -12.24 -3.93
CA LYS A 236 -24.85 -12.28 -5.36
C LYS A 236 -25.19 -10.89 -5.89
N ASP A 237 -25.81 -10.05 -5.07
CA ASP A 237 -26.17 -8.70 -5.50
C ASP A 237 -24.92 -7.90 -5.87
N ALA A 238 -23.93 -7.91 -4.99
CA ALA A 238 -22.69 -7.19 -5.22
C ALA A 238 -21.89 -7.82 -6.37
N ILE A 239 -21.92 -9.15 -6.44
CA ILE A 239 -21.18 -9.86 -7.47
C ILE A 239 -21.75 -9.56 -8.85
N LEU A 240 -23.07 -9.61 -8.98
CA LEU A 240 -23.72 -9.33 -10.25
C LEU A 240 -23.43 -7.89 -10.71
N ARG A 241 -23.47 -6.96 -9.76
CA ARG A 241 -23.17 -5.56 -10.06
C ARG A 241 -21.74 -5.42 -10.58
N PHE A 242 -20.82 -6.15 -9.95
CA PHE A 242 -19.42 -6.16 -10.39
C PHE A 242 -19.29 -6.69 -11.81
N PHE A 243 -19.96 -7.80 -12.10
CA PHE A 243 -19.95 -8.36 -13.45
C PHE A 243 -20.40 -7.33 -14.47
N ARG A 244 -21.54 -6.72 -14.21
CA ARG A 244 -22.16 -5.79 -15.16
C ARG A 244 -21.35 -4.51 -15.36
N GLU A 245 -20.67 -4.06 -14.33
CA GLU A 245 -19.94 -2.79 -14.36
C GLU A 245 -18.51 -2.92 -14.88
N GLU A 246 -17.87 -4.05 -14.63
CA GLU A 246 -16.43 -4.18 -14.85
C GLU A 246 -16.00 -5.37 -15.70
N CYS A 247 -16.90 -6.30 -15.98
CA CYS A 247 -16.51 -7.58 -16.59
C CYS A 247 -17.10 -7.84 -17.99
N GLN A 248 -17.39 -6.79 -18.74
CA GLN A 248 -17.90 -6.96 -20.09
C GLN A 248 -16.79 -7.15 -21.12
N ASN A 249 -17.04 -8.05 -22.07
CA ASN A 249 -16.17 -8.25 -23.24
C ASN A 249 -14.76 -8.73 -22.91
N LEU A 250 -14.65 -9.50 -21.83
CA LEU A 250 -13.42 -10.20 -21.53
C LEU A 250 -13.30 -11.43 -22.41
N ASN A 251 -12.07 -11.91 -22.60
CA ASN A 251 -11.83 -13.17 -23.27
C ASN A 251 -11.02 -14.09 -22.36
N LEU A 252 -11.71 -15.03 -21.73
CA LEU A 252 -11.07 -16.00 -20.85
C LEU A 252 -10.61 -17.20 -21.64
N LEU A 253 -9.31 -17.50 -21.56
CA LEU A 253 -8.72 -18.63 -22.27
C LEU A 253 -8.03 -19.59 -21.28
N PRO A 254 -8.82 -20.29 -20.47
CA PRO A 254 -8.26 -21.25 -19.52
C PRO A 254 -7.59 -22.43 -20.24
N GLU A 255 -6.54 -22.98 -19.64
CA GLU A 255 -5.71 -24.00 -20.29
C GLU A 255 -5.71 -25.33 -19.55
N ARG A 256 -5.50 -25.29 -18.24
CA ARG A 256 -5.37 -26.52 -17.44
C ARG A 256 -5.99 -26.33 -16.07
N GLY A 257 -6.25 -27.44 -15.38
CA GLY A 257 -6.74 -27.36 -14.02
C GLY A 257 -6.69 -28.67 -13.27
N VAL A 258 -6.91 -28.59 -11.96
CA VAL A 258 -6.97 -29.76 -11.10
C VAL A 258 -8.07 -29.57 -10.06
N ALA A 259 -8.70 -30.67 -9.67
CA ALA A 259 -9.77 -30.65 -8.68
C ALA A 259 -9.38 -31.51 -7.49
N GLU A 260 -9.74 -31.06 -6.29
CA GLU A 260 -9.37 -31.74 -5.05
C GLU A 260 -10.53 -31.69 -4.05
N PRO A 261 -10.61 -32.68 -3.15
CA PRO A 261 -11.62 -32.59 -2.09
C PRO A 261 -11.35 -31.43 -1.15
N ALA A 262 -12.42 -30.85 -0.60
CA ALA A 262 -12.31 -29.76 0.37
C ALA A 262 -13.19 -30.06 1.58
N ASP A 263 -13.13 -29.19 2.58
CA ASP A 263 -13.88 -29.43 3.81
C ASP A 263 -15.38 -29.45 3.57
N ASP A 264 -16.10 -30.16 4.44
CA ASP A 264 -17.55 -30.13 4.48
C ASP A 264 -18.19 -30.59 3.17
N GLY A 265 -17.52 -31.50 2.46
CA GLY A 265 -18.05 -32.06 1.25
C GLY A 265 -17.91 -31.16 0.04
N TYR A 266 -17.20 -30.05 0.21
CA TYR A 266 -16.95 -29.13 -0.89
C TYR A 266 -15.89 -29.69 -1.83
N THR A 267 -15.75 -29.06 -3.00
CA THR A 267 -14.69 -29.37 -3.93
C THR A 267 -13.95 -28.07 -4.25
N GLN A 268 -12.63 -28.15 -4.30
CA GLN A 268 -11.82 -27.00 -4.69
C GLN A 268 -11.17 -27.28 -6.04
N VAL A 269 -11.18 -26.26 -6.91
CA VAL A 269 -10.68 -26.41 -8.27
C VAL A 269 -9.76 -25.25 -8.61
N LYS A 270 -8.57 -25.57 -9.09
CA LYS A 270 -7.63 -24.57 -9.57
C LYS A 270 -7.50 -24.66 -11.09
N VAL A 271 -7.64 -23.51 -11.74
CA VAL A 271 -7.50 -23.43 -13.19
C VAL A 271 -6.47 -22.35 -13.50
N THR A 272 -5.61 -22.63 -14.48
CA THR A 272 -4.69 -21.61 -14.97
C THR A 272 -4.87 -21.39 -16.47
N GLY A 273 -4.53 -20.19 -16.92
CA GLY A 273 -4.67 -19.86 -18.31
C GLY A 273 -4.40 -18.39 -18.55
N LYS A 274 -4.97 -17.86 -19.62
CA LYS A 274 -4.77 -16.47 -19.98
C LYS A 274 -6.11 -15.75 -20.07
N VAL A 275 -6.04 -14.43 -19.90
CA VAL A 275 -7.21 -13.58 -20.04
C VAL A 275 -6.84 -12.32 -20.82
N GLN A 276 -7.70 -11.94 -21.75
CA GLN A 276 -7.54 -10.72 -22.52
C GLN A 276 -8.61 -9.69 -22.11
N THR A 277 -8.19 -8.43 -21.98
CA THR A 277 -9.09 -7.32 -21.73
C THR A 277 -9.42 -6.63 -23.05
N PRO A 278 -10.66 -6.11 -23.19
CA PRO A 278 -11.01 -5.45 -24.45
C PRO A 278 -10.19 -4.19 -24.73
N TRP A 279 -9.45 -3.70 -23.74
CA TRP A 279 -8.62 -2.52 -23.93
C TRP A 279 -7.44 -2.82 -24.86
N PHE A 280 -6.98 -4.07 -24.88
CA PHE A 280 -5.81 -4.43 -25.66
C PHE A 280 -5.98 -5.69 -26.50
N GLY A 281 -7.04 -6.45 -26.24
CA GLY A 281 -7.30 -7.66 -27.00
C GLY A 281 -6.14 -8.64 -26.91
N ALA A 282 -5.84 -9.29 -28.02
CA ALA A 282 -4.85 -10.37 -28.03
C ALA A 282 -3.42 -9.86 -27.82
N ALA A 283 -3.24 -8.55 -27.79
CA ALA A 283 -1.91 -7.97 -27.61
C ALA A 283 -1.37 -8.19 -26.20
N VAL A 284 -2.24 -8.43 -25.24
CA VAL A 284 -1.83 -8.71 -23.87
C VAL A 284 -2.61 -9.88 -23.29
N GLY A 285 -1.97 -11.03 -23.18
CA GLY A 285 -2.55 -12.19 -22.54
C GLY A 285 -2.05 -12.28 -21.12
N MET A 286 -2.89 -11.89 -20.17
CA MET A 286 -2.49 -11.90 -18.76
C MET A 286 -2.50 -13.32 -18.22
N ASN A 287 -1.46 -13.67 -17.47
CA ASN A 287 -1.37 -14.99 -16.87
C ASN A 287 -2.22 -15.06 -15.61
N MET A 288 -3.28 -15.86 -15.64
CA MET A 288 -4.25 -15.88 -14.57
C MET A 288 -4.40 -17.26 -13.96
N ALA A 289 -4.85 -17.27 -12.71
CA ALA A 289 -5.36 -18.48 -12.07
C ALA A 289 -6.74 -18.20 -11.53
N TRP A 290 -7.58 -19.22 -11.58
CA TRP A 290 -8.88 -19.20 -10.92
C TRP A 290 -8.83 -20.24 -9.80
N ARG A 291 -9.29 -19.87 -8.62
CA ARG A 291 -9.37 -20.81 -7.51
C ARG A 291 -10.81 -20.86 -7.00
N PHE A 292 -11.49 -21.96 -7.33
CA PHE A 292 -12.90 -22.16 -6.99
C PHE A 292 -13.07 -22.99 -5.73
N LEU A 293 -14.06 -22.63 -4.92
CA LEU A 293 -14.52 -23.47 -3.83
C LEU A 293 -16.01 -23.70 -4.02
N LEU A 294 -16.38 -24.94 -4.32
CA LEU A 294 -17.74 -25.30 -4.72
C LEU A 294 -18.41 -26.15 -3.63
N ASN A 295 -19.66 -25.83 -3.30
CA ASN A 295 -20.37 -26.60 -2.29
C ASN A 295 -20.89 -27.92 -2.88
N PRO A 296 -21.46 -28.79 -2.03
CA PRO A 296 -21.86 -30.11 -2.53
C PRO A 296 -22.92 -30.08 -3.62
N GLN A 297 -23.63 -28.96 -3.75
CA GLN A 297 -24.62 -28.80 -4.79
C GLN A 297 -24.01 -28.19 -6.06
N GLY A 298 -22.69 -28.02 -6.06
CA GLY A 298 -21.98 -27.55 -7.23
C GLY A 298 -22.03 -26.05 -7.43
N LYS A 299 -22.56 -25.32 -6.45
CA LYS A 299 -22.64 -23.88 -6.53
C LYS A 299 -21.35 -23.23 -6.05
N ILE A 300 -21.04 -22.06 -6.57
CA ILE A 300 -19.82 -21.36 -6.21
C ILE A 300 -19.97 -20.62 -4.90
N PHE A 301 -19.25 -21.07 -3.87
CA PHE A 301 -19.18 -20.35 -2.62
C PHE A 301 -18.10 -19.27 -2.69
N PHE A 302 -17.01 -19.57 -3.37
CA PHE A 302 -15.91 -18.62 -3.51
C PHE A 302 -15.14 -18.84 -4.80
N VAL A 303 -14.75 -17.76 -5.45
CA VAL A 303 -13.77 -17.85 -6.52
C VAL A 303 -12.82 -16.67 -6.44
N ALA A 304 -11.54 -17.00 -6.41
CA ALA A 304 -10.48 -15.99 -6.50
C ALA A 304 -9.92 -16.01 -7.91
N ILE A 305 -9.67 -14.81 -8.43
CA ILE A 305 -9.01 -14.66 -9.71
C ILE A 305 -7.68 -13.97 -9.43
N ASP A 306 -6.58 -14.69 -9.72
CA ASP A 306 -5.23 -14.22 -9.45
C ASP A 306 -4.51 -13.78 -10.71
N LEU A 307 -3.77 -12.69 -10.60
CA LEU A 307 -2.74 -12.38 -11.59
C LEU A 307 -1.45 -13.06 -11.13
N LEU A 308 -0.93 -13.97 -11.95
CA LEU A 308 0.23 -14.78 -11.57
C LEU A 308 1.56 -14.08 -11.81
N ALA A 309 2.56 -14.47 -11.03
CA ALA A 309 3.86 -13.82 -11.03
C ALA A 309 4.63 -13.98 -12.34
N SER A 310 4.39 -15.09 -13.04
CA SER A 310 5.08 -15.34 -14.31
C SER A 310 4.39 -16.47 -15.08
N PRO A 311 4.72 -16.61 -16.38
CA PRO A 311 4.18 -17.69 -17.20
C PRO A 311 4.44 -19.07 -16.60
N LYS A 312 5.54 -19.19 -15.85
CA LYS A 312 5.90 -20.46 -15.22
C LYS A 312 4.82 -20.95 -14.26
N GLU A 313 4.11 -20.01 -13.63
CA GLU A 313 3.06 -20.36 -12.68
C GLU A 313 1.87 -21.04 -13.35
N LEU A 314 1.76 -20.90 -14.66
CA LEU A 314 0.66 -21.54 -15.39
C LEU A 314 0.75 -23.06 -15.30
N LEU A 315 1.94 -23.56 -15.05
CA LEU A 315 2.16 -25.01 -14.97
C LEU A 315 2.18 -25.51 -13.53
N ASN A 316 1.98 -24.59 -12.59
CA ASN A 316 2.02 -24.94 -11.17
C ASN A 316 0.68 -25.49 -10.69
N LEU A 317 0.50 -26.79 -10.87
CA LEU A 317 -0.69 -27.48 -10.37
C LEU A 317 -0.28 -28.50 -9.29
N ILE B 3 7.04 27.67 0.51
CA ILE B 3 5.87 28.48 0.16
C ILE B 3 4.60 27.81 0.69
N THR B 4 4.50 26.49 0.51
CA THR B 4 3.42 25.69 1.08
C THR B 4 4.01 24.41 1.64
N ILE B 5 3.27 23.76 2.53
CA ILE B 5 3.74 22.49 3.09
C ILE B 5 3.88 21.46 1.97
N ASP B 6 2.87 21.34 1.12
CA ASP B 6 2.92 20.41 0.00
C ASP B 6 4.14 20.66 -0.89
N SER B 7 4.50 21.93 -1.08
CA SER B 7 5.69 22.27 -1.84
C SER B 7 6.97 21.93 -1.07
N ALA B 8 6.93 22.17 0.24
CA ALA B 8 8.08 21.89 1.10
C ALA B 8 8.43 20.40 1.10
N ARG B 9 7.44 19.54 0.93
CA ARG B 9 7.66 18.09 0.92
C ARG B 9 8.57 17.65 -0.23
N ARG B 10 8.72 18.51 -1.23
CA ARG B 10 9.41 18.13 -2.46
C ARG B 10 10.85 18.62 -2.56
N ILE B 11 11.35 19.28 -1.52
CA ILE B 11 12.71 19.81 -1.57
C ILE B 11 13.71 18.66 -1.60
N PHE B 12 14.86 18.92 -2.23
CA PHE B 12 15.89 17.92 -2.46
C PHE B 12 15.30 16.64 -3.05
N PRO B 13 14.68 16.75 -4.24
CA PRO B 13 13.96 15.62 -4.85
C PRO B 13 14.82 14.44 -5.29
N ASN B 14 16.15 14.61 -5.33
CA ASN B 14 17.01 13.49 -5.70
C ASN B 14 17.37 12.63 -4.48
N THR B 15 16.76 12.95 -3.34
CA THR B 15 16.92 12.14 -2.13
C THR B 15 16.11 10.84 -2.29
N LEU B 16 16.81 9.71 -2.32
CA LEU B 16 16.17 8.41 -2.57
C LEU B 16 15.75 7.74 -1.28
N GLN B 17 14.45 7.80 -0.98
CA GLN B 17 13.89 7.16 0.21
C GLN B 17 13.80 5.65 0.06
N ALA B 18 13.79 4.95 1.19
CA ALA B 18 13.67 3.50 1.20
C ALA B 18 12.23 3.06 1.00
N ASP B 19 11.67 3.34 -0.17
CA ASP B 19 10.27 2.99 -0.41
C ASP B 19 10.10 1.48 -0.58
N ALA B 20 11.20 0.74 -0.49
CA ALA B 20 11.13 -0.71 -0.35
C ALA B 20 10.32 -1.11 0.88
N VAL B 21 10.28 -0.23 1.89
CA VAL B 21 9.57 -0.52 3.12
C VAL B 21 8.05 -0.56 2.87
N PRO B 22 7.46 0.53 2.37
CA PRO B 22 6.02 0.44 2.09
C PRO B 22 5.68 -0.59 1.00
N ALA B 23 6.62 -0.83 0.09
CA ALA B 23 6.44 -1.86 -0.94
C ALA B 23 6.28 -3.23 -0.28
N LEU B 24 7.16 -3.54 0.66
CA LEU B 24 7.13 -4.85 1.30
C LEU B 24 5.90 -4.97 2.22
N THR B 25 5.54 -3.89 2.88
CA THR B 25 4.35 -3.86 3.72
C THR B 25 3.12 -4.17 2.89
N ALA B 26 3.07 -3.61 1.68
CA ALA B 26 1.95 -3.84 0.78
C ALA B 26 1.85 -5.32 0.41
N ARG B 27 2.99 -5.97 0.18
CA ARG B 27 3.00 -7.39 -0.12
C ARG B 27 2.55 -8.22 1.09
N PHE B 28 3.07 -7.85 2.27
CA PHE B 28 2.71 -8.50 3.53
C PHE B 28 1.21 -8.42 3.77
N ASN B 29 0.61 -7.28 3.42
CA ASN B 29 -0.82 -7.08 3.67
C ASN B 29 -1.73 -7.91 2.76
N GLN B 30 -1.16 -8.55 1.75
CA GLN B 30 -1.91 -9.46 0.87
C GLN B 30 -2.08 -10.83 1.51
N LEU B 31 -1.29 -11.09 2.54
CA LEU B 31 -1.25 -12.41 3.18
C LEU B 31 -2.39 -12.60 4.17
N SER B 32 -2.71 -13.85 4.45
CA SER B 32 -3.69 -14.17 5.48
C SER B 32 -3.18 -13.76 6.87
N ALA B 33 -4.10 -13.55 7.80
CA ALA B 33 -3.72 -13.23 9.18
C ALA B 33 -2.82 -14.29 9.76
N GLU B 34 -3.15 -15.55 9.48
CA GLU B 34 -2.40 -16.68 10.00
C GLU B 34 -0.97 -16.65 9.47
N ASP B 35 -0.83 -16.36 8.18
CA ASP B 35 0.49 -16.27 7.57
C ASP B 35 1.23 -15.04 8.10
N GLN B 36 0.50 -13.96 8.32
CA GLN B 36 1.09 -12.73 8.85
C GLN B 36 1.73 -12.97 10.22
N LEU B 37 1.00 -13.65 11.11
CA LEU B 37 1.52 -13.94 12.43
C LEU B 37 2.76 -14.85 12.37
N ALA B 38 2.69 -15.90 11.55
CA ALA B 38 3.82 -16.82 11.41
C ALA B 38 5.02 -16.10 10.79
N TRP B 39 4.74 -15.32 9.75
CA TRP B 39 5.76 -14.56 9.05
C TRP B 39 6.54 -13.68 10.01
N THR B 40 5.80 -12.93 10.82
CA THR B 40 6.42 -12.02 11.77
C THR B 40 7.19 -12.77 12.84
N TRP B 41 6.67 -13.92 13.27
CA TRP B 41 7.40 -14.76 14.22
C TRP B 41 8.76 -15.16 13.64
N PHE B 42 8.76 -15.65 12.40
CA PHE B 42 9.99 -16.07 11.75
C PHE B 42 10.94 -14.90 11.53
N ALA B 43 10.39 -13.76 11.10
CA ALA B 43 11.18 -12.56 10.89
C ALA B 43 11.78 -12.09 12.22
N PHE B 44 10.96 -12.14 13.27
CA PHE B 44 11.34 -11.71 14.60
C PHE B 44 12.38 -12.65 15.22
N LEU B 45 12.27 -13.93 14.91
CA LEU B 45 13.20 -14.92 15.44
C LEU B 45 14.57 -14.79 14.79
N GLU B 46 14.58 -14.53 13.48
CA GLU B 46 15.82 -14.42 12.73
C GLU B 46 16.65 -13.23 13.20
N MET B 47 16.02 -12.06 13.30
CA MET B 47 16.71 -10.86 13.74
C MET B 47 17.21 -11.02 15.18
N GLY B 48 16.51 -11.83 15.95
CA GLY B 48 16.86 -12.08 17.34
C GLY B 48 18.24 -12.68 17.51
N LYS B 49 18.79 -13.23 16.43
CA LYS B 49 20.11 -13.87 16.50
C LYS B 49 21.25 -12.89 16.29
N THR B 50 20.93 -11.64 15.98
CA THR B 50 21.94 -10.60 15.81
C THR B 50 21.63 -9.35 16.64
N ILE B 51 20.33 -9.08 16.87
CA ILE B 51 19.92 -7.93 17.66
C ILE B 51 18.84 -8.33 18.65
N THR B 52 18.76 -7.59 19.75
CA THR B 52 17.82 -7.89 20.83
C THR B 52 16.99 -6.65 21.19
N VAL B 53 15.68 -6.82 21.25
CA VAL B 53 14.79 -5.74 21.65
C VAL B 53 15.10 -5.33 23.09
N ALA B 54 15.16 -4.02 23.31
CA ALA B 54 15.39 -3.49 24.65
C ALA B 54 14.12 -3.63 25.48
N ALA B 55 14.27 -4.18 26.69
CA ALA B 55 13.13 -4.43 27.57
C ALA B 55 12.44 -3.14 27.98
N PRO B 56 11.16 -2.97 27.61
CA PRO B 56 10.43 -1.79 28.07
C PRO B 56 10.24 -1.79 29.59
N GLY B 57 10.33 -0.61 30.20
CA GLY B 57 10.17 -0.50 31.64
C GLY B 57 8.77 -0.85 32.09
N ALA B 58 8.61 -1.15 33.38
CA ALA B 58 7.31 -1.49 33.93
C ALA B 58 6.35 -0.30 33.83
N ALA B 59 6.88 0.91 34.00
CA ALA B 59 6.08 2.12 33.90
C ALA B 59 5.58 2.33 32.48
N SER B 60 6.28 1.75 31.51
CA SER B 60 5.85 1.80 30.12
C SER B 60 4.79 0.75 29.83
N MET B 61 4.91 -0.40 30.51
CA MET B 61 4.03 -1.53 30.26
C MET B 61 2.71 -1.49 31.03
N GLN B 62 2.52 -0.43 31.84
CA GLN B 62 1.36 -0.37 32.73
C GLN B 62 0.04 -0.18 31.97
N PHE B 63 0.12 0.35 30.76
CA PHE B 63 -1.08 0.66 29.99
C PHE B 63 -1.63 -0.58 29.27
N ALA B 64 -0.72 -1.44 28.79
CA ALA B 64 -1.10 -2.67 28.11
C ALA B 64 -1.27 -3.83 29.10
N GLU B 65 -0.94 -3.58 30.36
CA GLU B 65 -0.89 -4.61 31.38
C GLU B 65 -2.22 -5.37 31.53
N GLY B 66 -3.32 -4.65 31.54
CA GLY B 66 -4.63 -5.25 31.74
C GLY B 66 -4.98 -6.26 30.66
N ILE B 67 -4.82 -5.85 29.40
CA ILE B 67 -5.11 -6.71 28.27
C ILE B 67 -4.15 -7.89 28.22
N LEU B 68 -2.87 -7.63 28.51
CA LEU B 68 -1.87 -8.69 28.48
C LEU B 68 -2.20 -9.77 29.49
N LYS B 69 -2.65 -9.36 30.67
CA LYS B 69 -3.05 -10.29 31.73
C LYS B 69 -4.23 -11.14 31.28
N GLN B 70 -5.20 -10.49 30.65
CA GLN B 70 -6.37 -11.17 30.12
C GLN B 70 -5.95 -12.22 29.09
N ILE B 71 -5.05 -11.85 28.20
CA ILE B 71 -4.60 -12.75 27.13
C ILE B 71 -3.84 -13.94 27.70
N LYS B 72 -3.04 -13.70 28.73
CA LYS B 72 -2.25 -14.77 29.31
C LYS B 72 -3.16 -15.80 29.97
N GLU B 73 -4.33 -15.36 30.43
CA GLU B 73 -5.28 -16.23 31.09
C GLU B 73 -6.16 -16.98 30.09
N MET B 74 -6.18 -16.53 28.84
CA MET B 74 -6.92 -17.21 27.78
C MET B 74 -6.30 -18.55 27.41
N THR B 75 -7.11 -19.44 26.85
CA THR B 75 -6.62 -20.66 26.25
C THR B 75 -5.79 -20.34 25.00
N PHE B 76 -4.97 -21.28 24.56
CA PHE B 76 -4.19 -21.11 23.34
C PHE B 76 -5.10 -20.77 22.17
N GLU B 77 -6.23 -21.47 22.06
CA GLU B 77 -7.17 -21.24 20.97
C GLU B 77 -7.69 -19.81 20.99
N GLU B 78 -8.02 -19.32 22.17
CA GLU B 78 -8.52 -17.95 22.33
C GLU B 78 -7.45 -16.90 22.04
N GLN B 79 -6.22 -17.17 22.46
CA GLN B 79 -5.11 -16.26 22.22
C GLN B 79 -4.86 -16.08 20.73
N THR B 80 -4.86 -17.19 20.00
CA THR B 80 -4.64 -17.16 18.57
C THR B 80 -5.72 -16.34 17.89
N GLN B 81 -6.94 -16.44 18.39
CA GLN B 81 -8.04 -15.71 17.79
C GLN B 81 -7.85 -14.21 18.00
N VAL B 82 -7.42 -13.82 19.20
CA VAL B 82 -7.13 -12.41 19.48
C VAL B 82 -6.05 -11.88 18.55
N MET B 83 -4.98 -12.64 18.38
CA MET B 83 -3.90 -12.22 17.51
C MET B 83 -4.36 -12.12 16.05
N CYS B 84 -5.20 -13.06 15.62
CA CYS B 84 -5.78 -12.98 14.29
C CYS B 84 -6.72 -11.77 14.16
N ASP B 85 -7.49 -11.49 15.21
CA ASP B 85 -8.38 -10.33 15.22
C ASP B 85 -7.58 -9.05 14.98
N LEU B 86 -6.46 -8.93 15.68
CA LEU B 86 -5.60 -7.76 15.53
C LEU B 86 -5.06 -7.65 14.10
N ALA B 87 -4.64 -8.77 13.52
CA ALA B 87 -4.11 -8.77 12.17
C ALA B 87 -5.20 -8.48 11.15
N ASN B 88 -6.41 -8.97 11.41
CA ASN B 88 -7.54 -8.80 10.49
C ASN B 88 -8.24 -7.45 10.62
N HIS B 89 -7.86 -6.67 11.63
CA HIS B 89 -8.55 -5.43 11.95
C HIS B 89 -10.03 -5.69 12.26
N THR B 90 -10.29 -6.84 12.87
CA THR B 90 -11.64 -7.21 13.28
C THR B 90 -12.11 -6.30 14.42
N ASP B 91 -13.39 -5.94 14.40
CA ASP B 91 -13.94 -5.08 15.45
C ASP B 91 -14.22 -5.88 16.72
N THR B 92 -13.31 -5.77 17.68
CA THR B 92 -13.48 -6.39 18.99
C THR B 92 -13.01 -5.39 20.04
N PRO B 93 -13.42 -5.59 21.30
CA PRO B 93 -12.98 -4.66 22.35
C PRO B 93 -11.46 -4.52 22.43
N ILE B 94 -10.74 -5.63 22.37
CA ILE B 94 -9.28 -5.59 22.44
C ILE B 94 -8.70 -4.84 21.23
N CYS B 95 -9.26 -5.08 20.06
CA CYS B 95 -8.79 -4.38 18.86
C CYS B 95 -9.06 -2.88 18.90
N ARG B 96 -10.19 -2.51 19.51
CA ARG B 96 -10.52 -1.10 19.65
C ARG B 96 -9.56 -0.39 20.60
N THR B 97 -9.26 -1.04 21.72
CA THR B 97 -8.35 -0.45 22.70
C THR B 97 -6.93 -0.36 22.14
N TYR B 98 -6.50 -1.44 21.48
CA TYR B 98 -5.19 -1.48 20.85
C TYR B 98 -4.96 -0.29 19.94
N ALA B 99 -5.99 0.04 19.16
CA ALA B 99 -5.90 1.13 18.19
C ALA B 99 -5.65 2.50 18.83
N THR B 100 -5.98 2.64 20.12
CA THR B 100 -5.79 3.92 20.81
C THR B 100 -4.38 4.10 21.37
N TRP B 101 -3.55 3.07 21.24
CA TRP B 101 -2.21 3.07 21.83
C TRP B 101 -1.18 3.72 20.92
N SER B 102 -0.19 4.37 21.50
CA SER B 102 0.94 4.88 20.73
C SER B 102 1.75 3.70 20.22
N PRO B 103 2.60 3.92 19.19
CA PRO B 103 3.42 2.82 18.65
C PRO B 103 4.25 2.10 19.71
N ASN B 104 4.87 2.84 20.62
CA ASN B 104 5.74 2.22 21.61
C ASN B 104 4.97 1.28 22.54
N ILE B 105 3.71 1.61 22.82
CA ILE B 105 2.91 0.75 23.67
C ILE B 105 2.49 -0.50 22.89
N LYS B 106 2.10 -0.33 21.64
CA LYS B 106 1.81 -1.47 20.77
C LYS B 106 3.02 -2.38 20.64
N LEU B 107 4.21 -1.81 20.51
CA LEU B 107 5.44 -2.58 20.35
C LEU B 107 5.75 -3.37 21.61
N GLY B 108 5.63 -2.73 22.78
CA GLY B 108 5.86 -3.41 24.04
C GLY B 108 4.88 -4.55 24.24
N PHE B 109 3.64 -4.33 23.79
CA PHE B 109 2.58 -5.34 23.88
C PHE B 109 2.96 -6.60 23.10
N TRP B 110 3.40 -6.43 21.86
CA TRP B 110 3.74 -7.57 21.03
C TRP B 110 5.04 -8.21 21.46
N ASN B 111 5.95 -7.40 22.01
CA ASN B 111 7.19 -7.96 22.54
C ASN B 111 6.90 -8.92 23.68
N GLN B 112 5.92 -8.58 24.53
CA GLN B 112 5.56 -9.45 25.64
C GLN B 112 4.91 -10.73 25.14
N LEU B 113 4.05 -10.62 24.14
CA LEU B 113 3.41 -11.81 23.59
C LEU B 113 4.46 -12.72 22.98
N GLY B 114 5.46 -12.13 22.32
CA GLY B 114 6.53 -12.90 21.71
C GLY B 114 7.32 -13.67 22.73
N GLU B 115 7.67 -13.03 23.83
CA GLU B 115 8.38 -13.68 24.92
C GLU B 115 7.55 -14.83 25.50
N TRP B 116 6.25 -14.59 25.68
CA TRP B 116 5.38 -15.63 26.21
C TRP B 116 5.21 -16.79 25.24
N MET B 117 5.25 -16.51 23.94
CA MET B 117 5.23 -17.60 22.95
C MET B 117 6.49 -18.44 23.13
N GLU B 118 7.62 -17.75 23.28
CA GLU B 118 8.89 -18.42 23.53
C GLU B 118 8.83 -19.29 24.79
N GLN B 119 8.16 -18.78 25.82
CA GLN B 119 8.11 -19.43 27.12
C GLN B 119 7.01 -20.49 27.22
N GLY B 120 6.11 -20.51 26.25
CA GLY B 120 5.03 -21.48 26.24
C GLY B 120 3.75 -21.00 26.91
N ALA B 121 3.70 -19.72 27.26
CA ALA B 121 2.53 -19.15 27.93
C ALA B 121 1.49 -18.65 26.94
N VAL B 122 1.91 -18.36 25.72
CA VAL B 122 1.01 -17.96 24.64
C VAL B 122 1.19 -18.91 23.47
N ALA B 123 0.08 -19.22 22.80
CA ALA B 123 0.07 -20.21 21.72
C ALA B 123 1.18 -19.95 20.71
N PRO B 124 2.01 -20.97 20.45
CA PRO B 124 3.12 -20.78 19.51
C PRO B 124 2.67 -20.97 18.07
N ILE B 125 3.51 -20.56 17.12
CA ILE B 125 3.29 -20.90 15.74
C ILE B 125 3.41 -22.42 15.63
N PRO B 126 2.38 -23.09 15.06
CA PRO B 126 2.40 -24.55 14.94
C PRO B 126 3.72 -25.10 14.39
N ALA B 127 4.19 -26.20 14.96
CA ALA B 127 5.44 -26.80 14.52
C ALA B 127 5.34 -27.20 13.04
N GLY B 128 6.37 -26.84 12.27
CA GLY B 128 6.40 -27.16 10.85
C GLY B 128 5.37 -26.39 10.05
N TYR B 129 5.03 -25.18 10.52
CA TYR B 129 4.06 -24.34 9.83
C TYR B 129 4.59 -23.97 8.44
N GLN B 130 3.71 -24.07 7.45
CA GLN B 130 4.09 -23.77 6.07
C GLN B 130 3.45 -22.47 5.57
N LEU B 131 4.29 -21.45 5.42
CA LEU B 131 3.89 -20.20 4.80
C LEU B 131 3.42 -20.46 3.37
N SER B 132 2.53 -19.62 2.87
CA SER B 132 2.15 -19.67 1.47
C SER B 132 3.36 -19.35 0.61
N ALA B 133 3.28 -19.64 -0.69
CA ALA B 133 4.37 -19.33 -1.62
C ALA B 133 4.69 -17.84 -1.58
N ASN B 134 3.66 -17.00 -1.61
CA ASN B 134 3.85 -15.56 -1.59
C ASN B 134 4.45 -15.10 -0.26
N ALA B 135 4.00 -15.71 0.84
CA ALA B 135 4.52 -15.35 2.16
C ALA B 135 6.02 -15.66 2.26
N ASN B 136 6.41 -16.82 1.75
CA ASN B 136 7.83 -17.20 1.71
C ASN B 136 8.65 -16.17 0.94
N ALA B 137 8.14 -15.74 -0.21
CA ALA B 137 8.84 -14.79 -1.05
C ALA B 137 8.99 -13.43 -0.36
N VAL B 138 7.93 -13.02 0.33
CA VAL B 138 7.96 -11.76 1.08
C VAL B 138 9.03 -11.83 2.17
N LEU B 139 9.15 -13.00 2.80
CA LEU B 139 10.13 -13.18 3.86
C LEU B 139 11.54 -13.13 3.28
N GLU B 140 11.72 -13.73 2.10
CA GLU B 140 13.02 -13.71 1.43
C GLU B 140 13.43 -12.27 1.12
N THR B 141 12.48 -11.45 0.70
CA THR B 141 12.78 -10.05 0.43
C THR B 141 13.15 -9.31 1.73
N LEU B 142 12.42 -9.59 2.81
CA LEU B 142 12.72 -9.00 4.11
C LEU B 142 14.18 -9.22 4.47
N LYS B 143 14.64 -10.45 4.29
CA LYS B 143 16.00 -10.83 4.63
C LYS B 143 17.05 -10.09 3.80
N SER B 144 16.64 -9.59 2.64
CA SER B 144 17.56 -8.87 1.75
C SER B 144 17.70 -7.39 2.11
N LEU B 145 16.87 -6.90 3.02
CA LEU B 145 16.92 -5.50 3.45
C LEU B 145 17.91 -5.31 4.61
N ASP B 146 18.33 -4.07 4.86
CA ASP B 146 19.45 -3.78 5.77
C ASP B 146 19.17 -3.56 7.28
N GLN B 147 18.37 -4.40 7.91
CA GLN B 147 18.09 -4.30 9.35
C GLN B 147 17.40 -2.98 9.75
N GLY B 148 17.97 -1.84 9.39
CA GLY B 148 17.32 -0.57 9.63
C GLY B 148 15.96 -0.54 8.93
N GLN B 149 15.93 -1.02 7.70
CA GLN B 149 14.68 -1.11 6.96
C GLN B 149 13.84 -2.26 7.51
N GLN B 150 14.48 -3.35 7.93
CA GLN B 150 13.75 -4.49 8.49
C GLN B 150 12.93 -4.10 9.72
N ILE B 151 13.54 -3.41 10.68
CA ILE B 151 12.80 -3.07 11.89
C ILE B 151 11.73 -2.04 11.59
N THR B 152 11.93 -1.25 10.55
CA THR B 152 10.91 -0.29 10.14
C THR B 152 9.69 -1.02 9.57
N VAL B 153 9.93 -2.08 8.80
CA VAL B 153 8.85 -2.90 8.29
C VAL B 153 8.05 -3.51 9.43
N LEU B 154 8.75 -4.14 10.39
CA LEU B 154 8.06 -4.77 11.52
C LEU B 154 7.27 -3.74 12.32
N ARG B 155 7.84 -2.56 12.51
CA ARG B 155 7.16 -1.52 13.27
C ARG B 155 5.88 -1.09 12.59
N SER B 156 5.96 -0.88 11.27
CA SER B 156 4.81 -0.45 10.49
C SER B 156 3.65 -1.41 10.63
N SER B 157 3.94 -2.70 10.57
CA SER B 157 2.89 -3.71 10.62
C SER B 157 2.29 -3.80 12.03
N VAL B 158 3.10 -3.59 13.06
CA VAL B 158 2.58 -3.57 14.44
C VAL B 158 1.61 -2.40 14.61
N VAL B 159 2.01 -1.23 14.10
CA VAL B 159 1.19 -0.04 14.24
C VAL B 159 -0.14 -0.22 13.52
N ASP B 160 -0.11 -0.88 12.36
CA ASP B 160 -1.31 -1.06 11.56
C ASP B 160 -2.04 -2.36 11.90
N MET B 161 -2.40 -2.51 13.17
CA MET B 161 -3.25 -3.61 13.62
C MET B 161 -4.38 -3.03 14.46
N GLY B 162 -5.40 -3.85 14.71
CA GLY B 162 -6.54 -3.41 15.51
C GLY B 162 -7.58 -2.69 14.70
N PHE B 163 -8.53 -2.07 15.39
CA PHE B 163 -9.68 -1.44 14.77
C PHE B 163 -9.93 -0.06 15.36
N ASP B 164 -9.77 0.97 14.54
CA ASP B 164 -9.97 2.36 14.97
C ASP B 164 -11.46 2.69 15.03
N ALA B 165 -11.99 2.74 16.26
CA ALA B 165 -13.42 3.01 16.47
C ALA B 165 -13.65 4.40 17.04
N ALA B 166 -12.62 5.23 17.06
CA ALA B 166 -12.78 6.62 17.50
C ALA B 166 -13.52 7.39 16.40
N LYS B 167 -14.31 8.39 16.73
CA LYS B 167 -14.50 8.89 18.10
C LYS B 167 -15.75 8.27 18.72
N VAL B 174 -2.57 7.15 23.87
CA VAL B 174 -1.99 6.55 25.08
C VAL B 174 -0.49 6.37 24.88
N ALA B 175 0.31 6.90 25.80
CA ALA B 175 1.76 6.96 25.63
C ALA B 175 2.52 6.73 26.94
N GLU B 176 3.83 6.57 26.81
CA GLU B 176 4.71 6.37 27.96
C GLU B 176 4.89 7.67 28.74
N PRO B 177 5.33 7.56 30.01
CA PRO B 177 5.65 8.76 30.79
C PRO B 177 6.73 9.62 30.14
N LEU B 178 6.84 10.87 30.61
CA LEU B 178 7.80 11.80 30.04
C LEU B 178 9.16 11.71 30.73
N VAL B 179 10.22 11.74 29.93
CA VAL B 179 11.59 11.73 30.43
C VAL B 179 12.07 13.15 30.64
N ALA B 180 12.89 13.36 31.67
CA ALA B 180 13.43 14.69 31.96
C ALA B 180 14.55 15.05 30.98
N PRO B 181 14.66 16.33 30.59
CA PRO B 181 15.73 16.73 29.67
C PRO B 181 17.13 16.48 30.23
N LYS B 182 18.09 16.30 29.32
CA LYS B 182 19.47 16.01 29.69
C LYS B 182 20.24 17.27 30.05
N ASP B 183 21.13 17.17 31.04
CA ASP B 183 21.93 18.30 31.47
C ASP B 183 22.82 18.81 30.34
N ILE B 184 22.94 20.13 30.23
CA ILE B 184 23.76 20.76 29.18
C ILE B 184 25.15 20.15 29.08
N SER B 185 25.81 19.98 30.22
CA SER B 185 27.20 19.53 30.25
C SER B 185 27.36 18.10 29.76
N GLN B 186 26.27 17.33 29.76
CA GLN B 186 26.31 15.92 29.38
C GLN B 186 25.92 15.70 27.92
N ARG B 187 25.47 16.76 27.27
CA ARG B 187 25.09 16.67 25.86
C ARG B 187 26.33 16.63 24.98
N VAL B 188 26.46 15.57 24.19
CA VAL B 188 27.55 15.47 23.24
C VAL B 188 27.10 16.14 21.95
N GLN B 189 27.61 17.36 21.73
CA GLN B 189 27.17 18.20 20.62
C GLN B 189 27.49 17.54 19.28
N VAL B 190 26.56 17.63 18.34
CA VAL B 190 26.77 17.04 17.02
C VAL B 190 27.71 17.89 16.18
N THR B 191 28.39 17.23 15.24
CA THR B 191 29.27 17.90 14.29
C THR B 191 28.83 17.51 12.88
N ILE B 192 28.54 18.50 12.05
CA ILE B 192 28.07 18.24 10.69
C ILE B 192 28.96 18.92 9.66
N GLU B 193 29.61 18.11 8.84
CA GLU B 193 30.51 18.61 7.80
C GLU B 193 29.74 19.24 6.66
N GLY B 194 30.15 20.44 6.25
CA GLY B 194 29.63 21.07 5.05
C GLY B 194 28.64 22.19 5.31
N ILE B 195 28.15 22.30 6.54
CA ILE B 195 27.23 23.36 6.91
C ILE B 195 27.59 23.94 8.27
N ASN B 196 27.10 25.15 8.52
CA ASN B 196 27.19 25.76 9.82
C ASN B 196 25.89 26.51 10.06
N ASN B 197 24.83 25.77 10.37
CA ASN B 197 23.51 26.33 10.58
C ASN B 197 23.07 26.10 12.01
N SER B 198 22.82 27.19 12.74
CA SER B 198 22.52 27.10 14.15
C SER B 198 21.19 26.42 14.43
N THR B 199 20.21 26.65 13.56
CA THR B 199 18.89 26.04 13.75
C THR B 199 18.99 24.52 13.63
N VAL B 200 19.71 24.05 12.63
CA VAL B 200 19.87 22.62 12.42
C VAL B 200 20.59 21.99 13.61
N LEU B 201 21.67 22.61 14.07
CA LEU B 201 22.40 22.09 15.22
C LEU B 201 21.52 22.06 16.47
N ASN B 202 20.78 23.13 16.71
CA ASN B 202 19.88 23.19 17.87
C ASN B 202 18.82 22.10 17.80
N TYR B 203 18.32 21.84 16.60
CA TYR B 203 17.34 20.77 16.40
C TYR B 203 17.93 19.44 16.84
N MET B 204 19.11 19.11 16.30
CA MET B 204 19.76 17.85 16.60
C MET B 204 20.07 17.70 18.09
N ASN B 205 20.67 18.74 18.67
CA ASN B 205 21.14 18.65 20.05
C ASN B 205 19.97 18.61 21.03
N ASN B 206 18.93 19.39 20.78
CA ASN B 206 17.76 19.37 21.67
C ASN B 206 17.00 18.06 21.62
N LEU B 207 16.87 17.47 20.43
CA LEU B 207 16.18 16.20 20.30
C LEU B 207 16.98 15.10 21.00
N ASN B 208 18.30 15.07 20.78
CA ASN B 208 19.16 14.12 21.46
C ASN B 208 19.10 14.28 22.99
N ALA B 209 18.76 15.47 23.46
CA ALA B 209 18.71 15.76 24.90
C ALA B 209 17.30 15.60 25.47
N ASN B 210 16.36 15.16 24.63
CA ASN B 210 14.96 15.08 25.01
C ASN B 210 14.43 16.42 25.51
N ASP B 211 14.99 17.51 24.99
CA ASP B 211 14.60 18.85 25.41
C ASP B 211 13.54 19.38 24.44
N PHE B 212 12.33 18.83 24.56
CA PHE B 212 11.27 19.12 23.61
C PHE B 212 10.73 20.54 23.76
N ASP B 213 10.92 21.13 24.93
CA ASP B 213 10.46 22.50 25.17
C ASP B 213 11.29 23.49 24.38
N GLU B 214 12.59 23.25 24.30
CA GLU B 214 13.47 24.10 23.51
C GLU B 214 13.39 23.72 22.03
N LEU B 215 13.15 22.44 21.77
CA LEU B 215 13.05 21.95 20.40
C LEU B 215 11.86 22.59 19.67
N ILE B 216 10.71 22.65 20.33
CA ILE B 216 9.51 23.15 19.68
C ILE B 216 9.64 24.64 19.36
N LYS B 217 10.41 25.35 20.17
CA LYS B 217 10.63 26.79 19.96
C LYS B 217 11.28 27.10 18.61
N LEU B 218 11.92 26.09 18.02
CA LEU B 218 12.61 26.29 16.74
C LEU B 218 11.63 26.36 15.57
N PHE B 219 10.40 25.90 15.78
CA PHE B 219 9.40 25.85 14.71
C PHE B 219 8.56 27.12 14.65
N VAL B 220 8.05 27.43 13.47
CA VAL B 220 6.99 28.44 13.35
C VAL B 220 5.68 27.78 13.72
N GLU B 221 4.72 28.59 14.14
CA GLU B 221 3.44 28.10 14.66
C GLU B 221 2.75 27.12 13.71
N ASP B 222 2.74 27.45 12.43
CA ASP B 222 2.07 26.63 11.43
C ASP B 222 3.05 25.72 10.68
N GLY B 223 4.21 25.46 11.29
CA GLY B 223 5.22 24.62 10.67
C GLY B 223 4.81 23.16 10.67
N ALA B 224 5.66 22.30 10.12
CA ALA B 224 5.33 20.88 10.04
C ALA B 224 6.56 19.98 10.13
N LEU B 225 6.34 18.76 10.63
CA LEU B 225 7.38 17.74 10.70
C LEU B 225 6.84 16.48 10.07
N GLN B 226 7.64 15.89 9.16
CA GLN B 226 7.22 14.72 8.41
C GLN B 226 8.10 13.52 8.73
N PRO B 227 7.59 12.59 9.57
CA PRO B 227 8.37 11.37 9.78
C PRO B 227 8.36 10.46 8.56
N PRO B 228 9.28 9.48 8.52
CA PRO B 228 9.40 8.58 7.37
C PRO B 228 8.08 7.95 6.94
N PHE B 229 7.73 8.13 5.68
CA PHE B 229 6.57 7.49 5.06
C PHE B 229 5.23 7.94 5.65
N GLN B 230 5.25 9.04 6.39
CA GLN B 230 4.01 9.57 6.99
C GLN B 230 3.69 10.92 6.39
N ARG B 231 2.46 11.38 6.56
CA ARG B 231 2.10 12.71 6.12
C ARG B 231 2.61 13.71 7.16
N PRO B 232 2.79 14.97 6.73
CA PRO B 232 3.29 16.00 7.65
C PRO B 232 2.39 16.17 8.87
N ILE B 233 3.03 16.28 10.04
CA ILE B 233 2.36 16.65 11.28
C ILE B 233 2.42 18.17 11.39
N VAL B 234 1.26 18.81 11.37
CA VAL B 234 1.19 20.28 11.24
C VAL B 234 0.83 20.99 12.54
N GLY B 235 1.58 22.04 12.87
CA GLY B 235 1.30 22.87 14.03
C GLY B 235 2.09 22.46 15.26
N LYS B 236 2.52 23.46 16.03
CA LYS B 236 3.34 23.23 17.22
C LYS B 236 2.70 22.24 18.19
N ASP B 237 1.40 22.37 18.41
CA ASP B 237 0.68 21.50 19.32
C ASP B 237 0.81 20.03 18.92
N ALA B 238 0.53 19.74 17.65
CA ALA B 238 0.59 18.37 17.16
C ALA B 238 2.03 17.86 17.11
N ILE B 239 2.97 18.72 16.75
CA ILE B 239 4.37 18.33 16.69
C ILE B 239 4.91 18.02 18.09
N LEU B 240 4.52 18.83 19.08
CA LEU B 240 5.01 18.63 20.43
C LEU B 240 4.45 17.34 21.03
N ARG B 241 3.19 17.04 20.70
CA ARG B 241 2.57 15.81 21.15
C ARG B 241 3.32 14.60 20.57
N PHE B 242 3.67 14.71 19.30
CA PHE B 242 4.44 13.68 18.61
C PHE B 242 5.81 13.48 19.25
N PHE B 243 6.48 14.58 19.58
CA PHE B 243 7.77 14.51 20.27
C PHE B 243 7.65 13.70 21.56
N ARG B 244 6.66 14.04 22.38
CA ARG B 244 6.48 13.39 23.67
C ARG B 244 6.04 11.93 23.53
N GLU B 245 5.23 11.64 22.53
CA GLU B 245 4.68 10.31 22.34
C GLU B 245 5.64 9.32 21.68
N GLU B 246 6.48 9.79 20.76
CA GLU B 246 7.27 8.90 19.92
C GLU B 246 8.77 9.18 19.84
N CYS B 247 9.21 10.35 20.29
CA CYS B 247 10.58 10.78 20.02
C CYS B 247 11.51 10.84 21.23
N GLN B 248 11.19 10.08 22.28
CA GLN B 248 12.05 10.04 23.46
C GLN B 248 13.21 9.07 23.29
N ASN B 249 14.39 9.50 23.74
CA ASN B 249 15.59 8.67 23.84
C ASN B 249 16.14 8.18 22.51
N LEU B 250 15.92 8.95 21.46
CA LEU B 250 16.60 8.72 20.19
C LEU B 250 18.06 9.17 20.26
N ASN B 251 18.89 8.62 19.39
CA ASN B 251 20.25 9.12 19.21
C ASN B 251 20.47 9.50 17.75
N LEU B 252 20.56 10.80 17.50
CA LEU B 252 20.77 11.32 16.16
C LEU B 252 22.24 11.58 15.93
N LEU B 253 22.77 10.97 14.88
CA LEU B 253 24.18 11.04 14.55
C LEU B 253 24.38 11.56 13.13
N PRO B 254 24.04 12.85 12.90
CA PRO B 254 24.26 13.49 11.61
C PRO B 254 25.75 13.67 11.31
N GLU B 255 26.14 13.62 10.05
CA GLU B 255 27.56 13.73 9.69
C GLU B 255 27.86 14.71 8.57
N ARG B 256 26.92 14.86 7.64
CA ARG B 256 27.15 15.65 6.44
C ARG B 256 25.93 16.47 6.11
N GLY B 257 26.14 17.62 5.47
CA GLY B 257 25.03 18.44 5.05
C GLY B 257 25.38 19.50 4.03
N VAL B 258 24.35 20.07 3.42
CA VAL B 258 24.49 21.16 2.47
C VAL B 258 23.33 22.12 2.65
N ALA B 259 23.61 23.42 2.51
CA ALA B 259 22.59 24.46 2.61
C ALA B 259 22.48 25.21 1.30
N GLU B 260 21.26 25.52 0.88
CA GLU B 260 21.01 26.20 -0.37
C GLU B 260 19.91 27.24 -0.25
N PRO B 261 19.98 28.29 -1.08
CA PRO B 261 18.85 29.24 -1.10
C PRO B 261 17.54 28.58 -1.50
N ALA B 262 16.44 29.08 -0.95
CA ALA B 262 15.11 28.60 -1.30
C ALA B 262 14.23 29.80 -1.63
N ASP B 263 13.00 29.55 -2.05
CA ASP B 263 12.09 30.62 -2.43
C ASP B 263 11.75 31.53 -1.25
N ASP B 264 11.35 32.75 -1.58
CA ASP B 264 10.83 33.70 -0.60
C ASP B 264 11.82 33.98 0.53
N GLY B 265 13.12 33.91 0.23
CA GLY B 265 14.14 34.25 1.19
C GLY B 265 14.43 33.15 2.19
N TYR B 266 13.79 32.00 2.00
CA TYR B 266 14.02 30.85 2.85
C TYR B 266 15.37 30.22 2.55
N THR B 267 15.83 29.36 3.46
CA THR B 267 17.00 28.53 3.24
C THR B 267 16.57 27.09 3.39
N GLN B 268 17.10 26.21 2.54
CA GLN B 268 16.83 24.78 2.68
C GLN B 268 18.13 24.05 2.95
N VAL B 269 18.08 23.12 3.89
CA VAL B 269 19.24 22.38 4.36
C VAL B 269 18.99 20.88 4.34
N LYS B 270 19.91 20.15 3.72
CA LYS B 270 19.83 18.69 3.72
C LYS B 270 20.97 18.14 4.56
N VAL B 271 20.64 17.21 5.46
CA VAL B 271 21.63 16.57 6.32
C VAL B 271 21.50 15.06 6.17
N THR B 272 22.63 14.35 6.21
CA THR B 272 22.60 12.88 6.23
C THR B 272 23.37 12.35 7.43
N GLY B 273 23.04 11.12 7.83
CA GLY B 273 23.71 10.50 8.95
C GLY B 273 22.96 9.28 9.41
N LYS B 274 23.14 8.96 10.69
CA LYS B 274 22.61 7.74 11.29
C LYS B 274 21.69 8.07 12.47
N VAL B 275 20.69 7.21 12.69
CA VAL B 275 19.81 7.36 13.85
C VAL B 275 19.60 6.02 14.53
N GLN B 276 19.59 6.05 15.87
CA GLN B 276 19.34 4.87 16.68
C GLN B 276 18.05 5.05 17.46
N THR B 277 17.29 3.96 17.57
CA THR B 277 16.05 3.96 18.33
C THR B 277 16.28 3.23 19.66
N PRO B 278 15.61 3.67 20.74
CA PRO B 278 15.82 3.03 22.04
C PRO B 278 15.37 1.57 22.07
N TRP B 279 14.61 1.15 21.06
CA TRP B 279 14.16 -0.24 20.99
C TRP B 279 15.31 -1.21 20.75
N PHE B 280 16.41 -0.70 20.18
CA PHE B 280 17.57 -1.54 19.90
C PHE B 280 18.89 -0.90 20.31
N GLY B 281 18.84 0.34 20.77
CA GLY B 281 20.04 1.05 21.16
C GLY B 281 21.00 1.19 20.00
N ALA B 282 22.29 1.00 20.27
CA ALA B 282 23.32 1.20 19.25
C ALA B 282 23.40 0.03 18.28
N ALA B 283 22.63 -1.02 18.53
CA ALA B 283 22.73 -2.24 17.73
C ALA B 283 22.22 -2.04 16.30
N VAL B 284 21.34 -1.07 16.10
CA VAL B 284 20.81 -0.77 14.77
C VAL B 284 21.01 0.71 14.45
N GLY B 285 21.70 0.96 13.33
CA GLY B 285 21.90 2.31 12.84
C GLY B 285 21.16 2.52 11.53
N MET B 286 20.12 3.34 11.58
CA MET B 286 19.32 3.64 10.41
C MET B 286 19.91 4.83 9.66
N ASN B 287 20.18 4.64 8.36
CA ASN B 287 20.70 5.71 7.53
C ASN B 287 19.59 6.67 7.16
N MET B 288 19.70 7.91 7.64
CA MET B 288 18.65 8.91 7.50
C MET B 288 19.11 10.14 6.74
N ALA B 289 18.14 10.85 6.18
CA ALA B 289 18.33 12.23 5.76
C ALA B 289 17.33 13.13 6.44
N TRP B 290 17.74 14.36 6.70
CA TRP B 290 16.84 15.42 7.15
C TRP B 290 16.77 16.47 6.06
N ARG B 291 15.57 16.94 5.75
CA ARG B 291 15.38 17.99 4.77
C ARG B 291 14.64 19.16 5.41
N PHE B 292 15.39 20.23 5.70
CA PHE B 292 14.86 21.40 6.40
C PHE B 292 14.48 22.51 5.43
N LEU B 293 13.34 23.16 5.68
CA LEU B 293 13.02 24.42 5.03
C LEU B 293 12.88 25.49 6.10
N LEU B 294 13.80 26.45 6.10
CA LEU B 294 13.88 27.47 7.15
C LEU B 294 13.51 28.86 6.65
N ASN B 295 12.65 29.56 7.39
CA ASN B 295 12.23 30.90 6.98
C ASN B 295 13.35 31.90 7.25
N PRO B 296 13.19 33.14 6.77
CA PRO B 296 14.27 34.14 6.89
C PRO B 296 14.67 34.45 8.32
N GLN B 297 13.82 34.14 9.29
CA GLN B 297 14.13 34.37 10.70
C GLN B 297 14.81 33.14 11.30
N GLY B 298 15.03 32.11 10.47
CA GLY B 298 15.76 30.93 10.91
C GLY B 298 14.90 29.89 11.61
N LYS B 299 13.59 30.07 11.57
CA LYS B 299 12.68 29.11 12.18
C LYS B 299 12.35 27.99 11.20
N ILE B 300 12.05 26.80 11.73
CA ILE B 300 11.70 25.68 10.89
C ILE B 300 10.25 25.78 10.43
N PHE B 301 10.07 25.94 9.12
CA PHE B 301 8.74 25.88 8.51
C PHE B 301 8.38 24.43 8.22
N PHE B 302 9.39 23.65 7.83
CA PHE B 302 9.17 22.26 7.49
C PHE B 302 10.45 21.47 7.67
N VAL B 303 10.32 20.26 8.20
CA VAL B 303 11.42 19.31 8.20
C VAL B 303 10.89 17.92 7.89
N ALA B 304 11.53 17.26 6.93
CA ALA B 304 11.24 15.88 6.61
C ALA B 304 12.37 14.99 7.10
N ILE B 305 12.02 13.83 7.61
CA ILE B 305 12.99 12.85 8.04
C ILE B 305 12.79 11.61 7.17
N ASP B 306 13.81 11.29 6.39
CA ASP B 306 13.77 10.21 5.40
C ASP B 306 14.58 9.01 5.84
N LEU B 307 13.99 7.82 5.74
CA LEU B 307 14.78 6.59 5.77
C LEU B 307 15.37 6.38 4.37
N LEU B 308 16.68 6.31 4.27
CA LEU B 308 17.36 6.27 2.97
C LEU B 308 17.41 4.87 2.36
N ALA B 309 17.30 4.82 1.04
CA ALA B 309 17.25 3.55 0.31
C ALA B 309 18.51 2.72 0.48
N SER B 310 19.65 3.38 0.58
CA SER B 310 20.92 2.67 0.77
C SER B 310 22.00 3.60 1.31
N PRO B 311 23.14 3.03 1.77
CA PRO B 311 24.24 3.84 2.28
C PRO B 311 24.79 4.84 1.25
N LYS B 312 24.58 4.59 -0.04
CA LYS B 312 25.05 5.50 -1.07
C LYS B 312 24.44 6.89 -0.91
N GLU B 313 23.22 6.93 -0.43
CA GLU B 313 22.50 8.19 -0.26
C GLU B 313 23.09 9.07 0.83
N LEU B 314 23.92 8.51 1.70
CA LEU B 314 24.58 9.31 2.72
C LEU B 314 25.50 10.37 2.10
N LEU B 315 25.98 10.09 0.89
CA LEU B 315 26.88 10.99 0.18
C LEU B 315 26.18 11.79 -0.91
N ASN B 316 24.88 11.60 -1.05
CA ASN B 316 24.10 12.37 -2.02
C ASN B 316 23.88 13.77 -1.45
N LEU B 317 24.96 14.55 -1.47
CA LEU B 317 24.99 15.90 -0.91
C LEU B 317 24.54 15.94 0.56
O01 45D C . -12.83 -14.60 -14.08
O02 45D C . -2.10 10.55 -14.78
C03 45D C . -12.54 -10.57 -13.55
C04 45D C . -1.96 10.34 -18.92
C05 45D C . -13.90 -11.23 -13.69
C06 45D C . -0.85 10.97 -18.04
C07 45D C . -11.60 -11.26 -14.51
C08 45D C . -2.70 9.32 -18.07
C09 45D C . -13.85 -12.66 -13.20
C10 45D C . -1.44 11.60 -16.79
C11 45D C . -12.02 -10.61 -12.11
C12 45D C . -12.70 -9.06 -13.84
C13 45D C . -2.84 11.39 -19.58
C14 45D C . -1.29 9.66 -20.14
C15 45D C . -11.74 -12.60 -14.72
C16 45D C . -2.75 9.43 -16.71
C17 45D C . -12.80 -13.38 -14.02
C18 45D C . -2.10 10.53 -15.99
C19 45D C . -10.38 -10.54 -14.77
C20 45D C . -3.47 8.26 -18.70
C21 45D C . -10.82 -13.42 -15.56
C22 45D C . -3.64 8.61 -15.82
C23 45D C . -10.12 -9.67 -15.75
C24 45D C . -3.22 6.95 -18.72
C25 45D C . -8.92 -8.91 -15.89
C26 45D C . -4.02 5.89 -19.29
C27 45D C . -7.67 -9.62 -15.49
C28 45D C . -4.89 6.29 -20.43
C29 45D C . -8.88 -7.64 -16.32
C30 45D C . -4.02 4.62 -18.84
C31 45D C . -7.79 -6.75 -16.43
C32 45D C . -4.80 3.51 -19.25
C33 45D C . -7.77 -5.60 -17.13
C34 45D C . -4.47 2.21 -19.17
C35 45D C . -6.77 -4.57 -17.24
C36 45D C . -5.30 1.08 -19.48
C37 45D C . -6.91 -3.44 -17.94
C38 45D C . -5.28 -0.07 -18.77
C39 45D C . -5.53 -4.78 -16.42
C40 45D C . -6.26 1.27 -20.62
C41 45D C . -6.06 -2.29 -18.03
C42 45D C . -6.09 -1.23 -18.85
H052 45D C . -14.22 -11.25 -14.75
H051 45D C . -14.70 -10.67 -13.18
H062 45D C . -0.06 10.25 -17.78
H061 45D C . -0.31 11.75 -18.61
H092 45D C . -14.83 -13.16 -13.30
H091 45D C . -13.67 -12.76 -12.11
H102 45D C . -2.20 12.38 -17.01
H101 45D C . -0.69 12.17 -16.22
H113 45D C . -11.75 -11.63 -11.80
H111 45D C . -12.80 -10.27 -11.41
H112 45D C . -11.14 -9.99 -11.94
H122 45D C . -13.02 -8.90 -14.88
H123 45D C . -13.42 -8.54 -13.20
H121 45D C . -11.74 -8.53 -13.76
H131 45D C . -3.65 10.92 -20.16
H132 45D C . -2.32 12.06 -20.28
H133 45D C . -3.34 12.03 -18.84
H141 45D C . -2.03 9.46 -20.92
H143 45D C . -0.80 8.70 -19.92
H142 45D C . -0.52 10.29 -20.61
H191 45D C . -9.60 -10.69 -14.01
H201 45D C . -4.40 8.60 -19.18
H212 45D C . -11.16 -13.56 -16.61
H213 45D C . -10.60 -14.42 -15.17
H211 45D C . -9.84 -12.91 -15.65
H223 45D C . -4.06 7.74 -16.38
H222 45D C . -4.50 9.16 -15.44
H221 45D C . -3.13 8.18 -14.95
H231 45D C . -10.89 -9.45 -16.49
H241 45D C . -2.33 6.59 -18.21
H273 45D C . -7.70 -10.70 -15.63
H272 45D C . -6.80 -9.25 -16.04
H271 45D C . -7.44 -9.49 -14.42
H281 45D C . -4.99 5.53 -21.20
H282 45D C . -5.92 6.53 -20.12
H283 45D C . -4.51 7.20 -20.92
H291 45D C . -9.84 -7.18 -16.56
H301 45D C . -3.39 4.40 -17.99
H311 45D C . -6.90 -7.00 -15.85
H321 45D C . -5.80 3.74 -19.61
H331 45D C . -8.68 -5.34 -17.66
H341 45D C . -3.50 1.94 -18.76
H371 45D C . -7.84 -3.30 -18.47
H381 45D C . -4.59 -0.09 -17.93
H393 45D C . -5.38 -5.82 -16.12
H392 45D C . -4.61 -4.50 -16.96
H391 45D C . -5.54 -4.19 -15.50
H401 45D C . -6.04 2.16 -21.24
H402 45D C . -6.25 0.42 -21.31
H403 45D C . -7.30 1.41 -20.30
H411 45D C . -5.33 -2.25 -17.21
H421 45D C . -6.86 -1.21 -19.63
O01 45D D . 14.68 13.92 13.56
O02 45D D . 2.45 -10.83 14.59
C03 45D D . 11.69 11.22 14.35
C04 45D D . 5.35 -11.92 17.35
C05 45D D . 11.80 12.53 15.14
C06 45D D . 4.78 -12.86 16.25
C07 45D D . 13.09 10.74 14.10
C08 45D D . 5.14 -10.49 16.92
C09 45D D . 12.47 13.62 14.31
C10 45D D . 3.33 -12.54 15.96
C11 45D D . 10.90 11.39 13.05
C12 45D D . 10.83 10.23 15.18
C13 45D D . 4.77 -12.26 18.73
C14 45D D . 6.85 -12.21 17.54
C15 45D D . 14.08 11.64 13.84
C16 45D D . 4.15 -10.15 16.03
C17 45D D . 13.82 13.10 13.88
C18 45D D . 3.25 -11.13 15.46
C19 45D D . 13.17 9.37 13.66
C20 45D D . 5.91 -9.43 17.51
C21 45D D . 15.47 11.27 13.42
C22 45D D . 3.71 -8.74 15.73
C23 45D D . 13.26 8.26 14.40
C24 45D D . 6.86 -8.68 16.92
C25 45D D . 13.22 6.92 13.90
C26 45D D . 7.60 -7.59 17.51
C27 45D D . 13.82 6.71 12.54
C28 45D D . 7.81 -7.68 18.98
C29 45D D . 12.64 5.91 14.56
C30 45D D . 8.11 -6.56 16.81
C31 45D D . 12.42 4.56 14.17
C32 45D D . 8.81 -5.42 17.26
C33 45D D . 12.37 3.48 14.97
C34 45D D . 9.65 -4.66 16.54
C35 45D D . 12.06 2.11 14.64
C36 45D D . 10.31 -3.46 16.91
C37 45D D . 11.73 1.16 15.54
C38 45D D . 10.51 -2.43 16.05
C39 45D D . 12.09 1.79 13.18
C40 45D D . 10.71 -3.35 18.35
C41 45D D . 11.31 -0.19 15.35
C42 45D D . 11.04 -1.13 16.26
H052 45D D . 12.41 12.38 16.06
H051 45D D . 10.83 12.87 15.54
H062 45D D . 5.39 -12.83 15.33
H061 45D D . 4.87 -13.91 16.57
H092 45D D . 12.58 14.55 14.90
H091 45D D . 11.85 13.96 13.46
H102 45D D . 2.68 -12.63 16.85
H101 45D D . 2.88 -13.28 15.27
H113 45D D . 11.45 12.00 12.31
H111 45D D . 9.96 11.93 13.22
H112 45D D . 10.66 10.45 12.55
H122 45D D . 11.32 9.98 16.13
H123 45D D . 9.83 10.59 15.43
H121 45D D . 10.70 9.27 14.68
H131 45D D . 5.13 -11.56 19.50
H132 45D D . 5.01 -13.26 19.10
H133 45D D . 3.67 -12.16 18.75
H141 45D D . 7.22 -11.80 18.49
H143 45D D . 7.50 -11.80 16.75
H142 45D D . 7.08 -13.28 17.58
H191 45D D . 13.06 9.24 12.57
H201 45D D . 5.68 -9.24 18.56
H212 45D D . 16.20 11.22 14.25
H213 45D D . 15.91 11.92 12.66
H211 45D D . 15.46 10.26 12.98
H223 45D D . 4.44 -8.02 16.14
H222 45D D . 2.75 -8.49 16.19
H221 45D D . 3.63 -8.51 14.66
H231 45D D . 13.33 8.33 15.48
H241 45D D . 7.09 -8.85 15.87
H273 45D D . 14.65 7.40 12.31
H272 45D D . 14.21 5.69 12.43
H271 45D D . 13.09 6.86 11.74
H281 45D D . 8.78 -7.30 19.32
H282 45D D . 7.06 -7.09 19.55
H283 45D D . 7.72 -8.71 19.34
H291 45D D . 12.19 6.15 15.52
H301 45D D . 7.91 -6.55 15.74
H311 45D D . 12.24 4.40 13.11
H321 45D D . 8.59 -5.09 18.27
H331 45D D . 12.51 3.64 16.05
H341 45D D . 9.85 -4.95 15.51
H371 45D D . 11.68 1.47 16.59
H381 45D D . 10.14 -2.58 15.03
H393 45D D . 12.65 2.52 12.58
H392 45D D . 12.54 0.81 12.95
H391 45D D . 11.08 1.76 12.75
H401 45D D . 11.74 -2.97 18.49
H402 45D D . 10.06 -2.67 18.92
H403 45D D . 10.70 -4.31 18.88
H411 45D D . 11.13 -0.44 14.30
H421 45D D . 11.16 -0.87 17.32
#